data_4KMI
#
_entry.id   4KMI
#
_cell.length_a   82.469
_cell.length_b   82.469
_cell.length_c   307.729
_cell.angle_alpha   90.00
_cell.angle_beta   90.00
_cell.angle_gamma   120.00
#
_symmetry.space_group_name_H-M   'H 3'
#
loop_
_entity.id
_entity.type
_entity.pdbx_description
1 polymer '4-O-beta-D-mannosyl-D-glucose phosphorylase'
2 non-polymer 'PHOSPHATE ION'
3 non-polymer (4S)-2-METHYL-2,4-PENTANEDIOL
4 water water
#
_entity_poly.entity_id   1
_entity_poly.type   'polypeptide(L)'
_entity_poly.pdbx_seq_one_letter_code
;MSLFNDKVAKLLAGHEALLMRKNEPVEEGNGVITRYRYPVLTAAHTPVFWRYDLNEETNPFLMERIGMNATLNAGAIKWD
GKYLMLVRVEGADRKSFFAVAESPNGIDNFRFWEYPVTLPEDVVPATNVYDMRLTAHEDGWIYGIFCAERHDDNAPIGDL
SSATATAGIARTKDLKNWERLPDLKTKSQQRNVVLHPEFVDGKYALYTRPQDGFIDTGSGGGIGWALIDDITHAEVGEEK
IIDKRYYHTIKEVKNGEGPHPIKTPQGWLHLAHGVRNCAAGLRYVLYMYMTSLDDPTRLIASPAGYFMAPVGEERIGDVS
NVLFSNGWIADDDGKVFIYYASSDTRMHVATSTIERLVDYCLHTPQDGFSSSASVEILKNLIERNLRLMK
;
_entity_poly.pdbx_strand_id   A,B
#
loop_
_chem_comp.id
_chem_comp.type
_chem_comp.name
_chem_comp.formula
MPD non-polymer (4S)-2-METHYL-2,4-PENTANEDIOL 'C6 H14 O2'
PO4 non-polymer 'PHOSPHATE ION' 'O4 P -3'
#
# COMPACT_ATOMS: atom_id res chain seq x y z
N SER A 2 5.29 11.66 -19.04
CA SER A 2 3.96 12.07 -19.49
C SER A 2 2.92 11.62 -18.46
N LEU A 3 1.77 12.29 -18.47
CA LEU A 3 0.69 11.95 -17.55
C LEU A 3 0.19 10.52 -17.75
N PHE A 4 0.10 10.11 -19.01
CA PHE A 4 -0.37 8.76 -19.33
C PHE A 4 0.60 7.70 -18.81
N ASN A 5 1.88 7.87 -19.11
CA ASN A 5 2.89 6.89 -18.68
C ASN A 5 3.03 6.83 -17.17
N ASP A 6 2.83 7.97 -16.51
CA ASP A 6 2.82 7.97 -15.04
C ASP A 6 1.63 7.20 -14.52
N LYS A 7 0.48 7.36 -15.16
CA LYS A 7 -0.72 6.63 -14.77
C LYS A 7 -0.53 5.12 -14.93
N VAL A 8 0.04 4.70 -16.06
CA VAL A 8 0.35 3.28 -16.27
C VAL A 8 1.32 2.78 -15.20
N ALA A 9 2.38 3.54 -14.94
CA ALA A 9 3.33 3.16 -13.91
C ALA A 9 2.66 2.93 -12.55
N LYS A 10 1.72 3.81 -12.20
CA LYS A 10 1.02 3.72 -10.92
C LYS A 10 0.09 2.51 -10.81
N LEU A 11 -0.61 2.20 -11.89
CA LEU A 11 -1.40 0.97 -11.96
C LEU A 11 -0.51 -0.25 -11.70
N LEU A 12 0.63 -0.30 -12.38
CA LEU A 12 1.53 -1.44 -12.23
C LEU A 12 2.07 -1.53 -10.81
N ALA A 13 2.46 -0.39 -10.23
CA ALA A 13 3.08 -0.38 -8.91
C ALA A 13 2.07 -0.73 -7.81
N GLY A 14 0.86 -0.22 -7.94
CA GLY A 14 -0.19 -0.51 -7.00
C GLY A 14 -0.54 -1.98 -7.08
N HIS A 15 -0.53 -2.52 -8.30
CA HIS A 15 -0.81 -3.94 -8.50
C HIS A 15 0.24 -4.84 -7.86
N GLU A 16 1.52 -4.51 -8.07
CA GLU A 16 2.60 -5.29 -7.45
C GLU A 16 2.52 -5.24 -5.91
N ALA A 17 2.15 -4.07 -5.38
CA ALA A 17 2.03 -3.93 -3.93
C ALA A 17 0.93 -4.81 -3.38
N LEU A 18 -0.21 -4.85 -4.06
CA LEU A 18 -1.28 -5.76 -3.67
C LEU A 18 -0.81 -7.22 -3.74
N LEU A 19 -0.18 -7.59 -4.85
CA LEU A 19 0.21 -8.99 -5.04
C LEU A 19 1.20 -9.47 -3.99
N MET A 20 2.07 -8.58 -3.53
CA MET A 20 3.16 -8.99 -2.65
C MET A 20 2.83 -8.87 -1.16
N ARG A 21 1.62 -8.39 -0.85
CA ARG A 21 1.22 -8.18 0.54
C ARG A 21 1.29 -9.45 1.37
N LYS A 22 1.94 -9.35 2.53
CA LYS A 22 2.10 -10.52 3.39
C LYS A 22 0.82 -10.81 4.15
N ASN A 23 0.37 -12.05 4.10
CA ASN A 23 -0.86 -12.41 4.80
C ASN A 23 -0.51 -12.66 6.26
N GLU A 24 -1.50 -12.54 7.14
CA GLU A 24 -1.28 -12.79 8.56
C GLU A 24 -2.41 -13.67 9.08
N PRO A 25 -2.05 -14.63 9.93
CA PRO A 25 -3.09 -15.52 10.49
C PRO A 25 -4.00 -14.76 11.43
N VAL A 26 -5.25 -15.19 11.53
CA VAL A 26 -6.17 -14.65 12.52
C VAL A 26 -5.94 -15.43 13.83
N GLU A 27 -5.63 -14.72 14.91
CA GLU A 27 -5.28 -15.37 16.18
C GLU A 27 -6.46 -16.16 16.72
N GLU A 28 -7.62 -15.54 16.65
CA GLU A 28 -8.84 -16.14 17.17
C GLU A 28 -9.32 -17.28 16.25
N GLY A 29 -9.29 -18.48 16.78
CA GLY A 29 -9.68 -19.65 16.01
C GLY A 29 -10.17 -20.74 16.92
N ASN A 30 -10.54 -21.87 16.33
CA ASN A 30 -11.16 -22.95 17.09
C ASN A 30 -10.22 -24.13 17.33
N GLY A 31 -8.96 -23.97 16.90
CA GLY A 31 -7.96 -25.01 17.08
C GLY A 31 -7.93 -26.04 15.97
N VAL A 32 -8.89 -25.93 15.04
CA VAL A 32 -8.98 -26.88 13.95
C VAL A 32 -8.38 -26.26 12.70
N ILE A 33 -8.86 -25.06 12.34
CA ILE A 33 -8.32 -24.30 11.22
C ILE A 33 -7.93 -22.88 11.64
N THR A 34 -6.96 -22.34 10.92
CA THR A 34 -6.54 -20.96 11.09
C THR A 34 -6.93 -20.18 9.84
N ARG A 35 -7.74 -19.13 10.01
CA ARG A 35 -8.07 -18.21 8.91
C ARG A 35 -6.96 -17.17 8.78
N TYR A 36 -7.02 -16.41 7.69
CA TYR A 36 -6.02 -15.38 7.40
C TYR A 36 -6.68 -14.04 7.15
N ARG A 37 -5.94 -12.97 7.40
CA ARG A 37 -6.50 -11.62 7.37
C ARG A 37 -7.02 -11.23 5.99
N TYR A 38 -6.30 -11.66 4.96
CA TYR A 38 -6.61 -11.26 3.59
C TYR A 38 -6.96 -12.44 2.70
N PRO A 39 -7.82 -12.20 1.70
CA PRO A 39 -8.10 -13.20 0.67
C PRO A 39 -6.79 -13.56 -0.04
N VAL A 40 -6.66 -14.77 -0.57
CA VAL A 40 -5.49 -15.06 -1.40
C VAL A 40 -5.64 -14.50 -2.83
N LEU A 41 -6.88 -14.38 -3.30
CA LEU A 41 -7.16 -13.79 -4.62
C LEU A 41 -8.49 -13.04 -4.64
N THR A 42 -8.51 -11.92 -5.35
CA THR A 42 -9.72 -11.14 -5.62
C THR A 42 -9.67 -10.76 -7.08
N ALA A 43 -10.74 -10.16 -7.59
CA ALA A 43 -10.75 -9.71 -8.98
C ALA A 43 -9.60 -8.74 -9.25
N ALA A 44 -9.23 -7.99 -8.21
CA ALA A 44 -8.17 -6.99 -8.33
C ALA A 44 -6.79 -7.63 -8.46
N HIS A 45 -6.69 -8.92 -8.18
CA HIS A 45 -5.43 -9.64 -8.36
C HIS A 45 -5.14 -10.03 -9.81
N THR A 46 -6.16 -10.01 -10.69
CA THR A 46 -5.90 -10.33 -12.09
C THR A 46 -4.93 -9.28 -12.60
N PRO A 47 -4.05 -9.66 -13.56
CA PRO A 47 -3.01 -8.74 -14.01
C PRO A 47 -3.59 -7.46 -14.60
N VAL A 48 -2.86 -6.35 -14.50
CA VAL A 48 -3.30 -5.09 -15.08
C VAL A 48 -3.47 -5.22 -16.59
N PHE A 49 -2.62 -6.04 -17.21
CA PHE A 49 -2.64 -6.21 -18.65
C PHE A 49 -3.71 -7.18 -19.14
N TRP A 50 -4.51 -7.71 -18.21
CA TRP A 50 -5.72 -8.44 -18.59
C TRP A 50 -6.87 -7.46 -18.77
N ARG A 51 -6.84 -6.38 -17.99
CA ARG A 51 -8.00 -5.48 -17.89
C ARG A 51 -7.86 -4.20 -18.71
N TYR A 52 -6.71 -3.53 -18.60
CA TYR A 52 -6.41 -2.34 -19.40
C TYR A 52 -5.71 -2.64 -20.72
N ASP A 53 -6.07 -1.89 -21.75
CA ASP A 53 -5.26 -1.71 -22.95
C ASP A 53 -4.21 -0.64 -22.59
N LEU A 54 -2.94 -1.03 -22.59
CA LEU A 54 -1.90 -0.14 -22.08
C LEU A 54 -1.34 0.79 -23.16
N ASN A 55 -1.92 0.73 -24.34
CA ASN A 55 -1.46 1.55 -25.47
C ASN A 55 -2.26 2.86 -25.53
N GLU A 56 -1.55 3.97 -25.35
CA GLU A 56 -2.16 5.30 -25.38
C GLU A 56 -2.86 5.61 -26.69
N GLU A 57 -2.35 5.06 -27.78
CA GLU A 57 -2.95 5.26 -29.11
C GLU A 57 -4.38 4.76 -29.15
N THR A 58 -4.61 3.59 -28.55
CA THR A 58 -5.90 2.90 -28.63
C THR A 58 -6.75 2.99 -27.35
N ASN A 59 -6.16 3.52 -26.28
CA ASN A 59 -6.87 3.68 -25.01
C ASN A 59 -6.37 4.95 -24.32
N PRO A 60 -6.55 6.13 -24.97
CA PRO A 60 -6.00 7.37 -24.42
C PRO A 60 -6.55 7.75 -23.06
N PHE A 61 -7.78 7.33 -22.75
CA PHE A 61 -8.38 7.61 -21.45
C PHE A 61 -7.89 6.62 -20.39
N LEU A 62 -7.20 5.58 -20.84
CA LEU A 62 -6.70 4.52 -19.96
C LEU A 62 -7.83 3.97 -19.09
N MET A 63 -8.81 3.37 -19.73
CA MET A 63 -9.91 2.77 -19.00
C MET A 63 -9.82 1.27 -19.20
N GLU A 64 -10.49 0.50 -18.34
CA GLU A 64 -10.45 -0.94 -18.50
C GLU A 64 -11.26 -1.34 -19.73
N ARG A 65 -10.70 -2.24 -20.54
CA ARG A 65 -11.41 -2.78 -21.71
C ARG A 65 -12.13 -4.09 -21.41
N ILE A 66 -11.59 -4.83 -20.44
CA ILE A 66 -12.20 -6.10 -20.04
C ILE A 66 -12.30 -6.19 -18.53
N GLY A 67 -13.51 -5.97 -18.00
CA GLY A 67 -13.69 -6.01 -16.56
C GLY A 67 -13.62 -7.42 -15.97
N MET A 68 -13.00 -7.53 -14.81
CA MET A 68 -12.95 -8.78 -14.07
C MET A 68 -13.83 -8.66 -12.82
N ASN A 69 -14.74 -9.61 -12.63
CA ASN A 69 -15.74 -9.51 -11.57
C ASN A 69 -15.41 -10.31 -10.31
N ALA A 70 -14.88 -11.51 -10.49
CA ALA A 70 -14.68 -12.40 -9.34
C ALA A 70 -13.65 -13.46 -9.62
N THR A 71 -13.05 -13.96 -8.55
CA THR A 71 -12.11 -15.07 -8.58
C THR A 71 -12.57 -16.05 -7.52
N LEU A 72 -13.06 -17.22 -7.93
CA LEU A 72 -13.76 -18.10 -6.99
C LEU A 72 -13.49 -19.56 -7.27
N ASN A 73 -14.27 -20.40 -6.58
CA ASN A 73 -14.25 -21.87 -6.64
C ASN A 73 -13.07 -22.49 -7.39
N ALA A 74 -11.91 -22.47 -6.76
CA ALA A 74 -10.67 -22.83 -7.43
C ALA A 74 -10.20 -24.24 -7.11
N GLY A 75 -9.66 -24.92 -8.11
CA GLY A 75 -8.96 -26.17 -7.87
C GLY A 75 -7.60 -25.85 -7.29
N ALA A 76 -6.85 -26.86 -6.87
CA ALA A 76 -5.51 -26.61 -6.37
C ALA A 76 -4.63 -27.84 -6.53
N ILE A 77 -3.34 -27.59 -6.63
CA ILE A 77 -2.37 -28.66 -6.81
C ILE A 77 -1.01 -28.19 -6.38
N LYS A 78 -0.24 -29.07 -5.74
CA LYS A 78 1.16 -28.78 -5.48
C LYS A 78 1.90 -29.16 -6.76
N TRP A 79 2.67 -28.21 -7.29
CA TRP A 79 3.22 -28.32 -8.64
C TRP A 79 4.63 -27.77 -8.73
N ASP A 80 5.60 -28.65 -8.93
CA ASP A 80 7.00 -28.25 -9.07
C ASP A 80 7.46 -27.35 -7.93
N GLY A 81 7.07 -27.70 -6.71
CA GLY A 81 7.48 -26.95 -5.54
C GLY A 81 6.65 -25.71 -5.24
N LYS A 82 5.65 -25.44 -6.08
CA LYS A 82 4.85 -24.24 -5.92
C LYS A 82 3.45 -24.64 -5.52
N TYR A 83 2.69 -23.67 -5.00
CA TYR A 83 1.31 -23.93 -4.60
C TYR A 83 0.44 -23.27 -5.65
N LEU A 84 -0.36 -24.07 -6.34
CA LEU A 84 -1.13 -23.56 -7.46
C LEU A 84 -2.62 -23.66 -7.22
N MET A 85 -3.33 -22.58 -7.53
CA MET A 85 -4.77 -22.63 -7.69
C MET A 85 -5.13 -22.67 -9.17
N LEU A 86 -6.15 -23.46 -9.48
CA LEU A 86 -6.78 -23.44 -10.78
C LEU A 86 -8.04 -22.62 -10.60
N VAL A 87 -7.92 -21.33 -10.89
CA VAL A 87 -8.94 -20.37 -10.48
C VAL A 87 -10.10 -20.30 -11.45
N ARG A 88 -11.32 -20.21 -10.92
CA ARG A 88 -12.46 -19.82 -11.73
C ARG A 88 -12.54 -18.30 -11.71
N VAL A 89 -12.28 -17.70 -12.86
CA VAL A 89 -12.31 -16.25 -13.00
C VAL A 89 -13.55 -15.86 -13.76
N GLU A 90 -14.38 -15.01 -13.16
CA GLU A 90 -15.62 -14.58 -13.83
C GLU A 90 -15.45 -13.15 -14.29
N GLY A 91 -15.60 -12.93 -15.59
CA GLY A 91 -15.53 -11.58 -16.14
C GLY A 91 -16.78 -10.75 -15.86
N ALA A 92 -16.71 -9.45 -16.14
CA ALA A 92 -17.89 -8.58 -16.11
C ALA A 92 -18.97 -9.13 -17.03
N ASP A 93 -18.57 -9.86 -18.07
CA ASP A 93 -19.52 -10.41 -19.03
C ASP A 93 -20.31 -11.62 -18.52
N ARG A 94 -20.03 -12.00 -17.27
CA ARG A 94 -20.71 -13.11 -16.59
C ARG A 94 -20.27 -14.50 -17.06
N LYS A 95 -19.28 -14.55 -17.93
CA LYS A 95 -18.69 -15.84 -18.26
C LYS A 95 -17.50 -16.14 -17.38
N SER A 96 -17.29 -17.43 -17.09
CA SER A 96 -16.12 -17.84 -16.34
C SER A 96 -15.13 -18.54 -17.25
N PHE A 97 -13.86 -18.44 -16.89
CA PHE A 97 -12.81 -19.19 -17.57
C PHE A 97 -11.82 -19.64 -16.52
N PHE A 98 -10.91 -20.54 -16.89
CA PHE A 98 -9.96 -21.03 -15.90
C PHE A 98 -8.63 -20.32 -16.05
N ALA A 99 -7.89 -20.19 -14.96
CA ALA A 99 -6.57 -19.55 -14.99
C ALA A 99 -5.72 -20.04 -13.84
N VAL A 100 -4.46 -20.37 -14.13
CA VAL A 100 -3.56 -20.80 -13.07
C VAL A 100 -3.01 -19.59 -12.32
N ALA A 101 -2.96 -19.69 -11.00
CA ALA A 101 -2.27 -18.70 -10.18
C ALA A 101 -1.31 -19.46 -9.29
N GLU A 102 -0.09 -18.95 -9.11
CA GLU A 102 0.88 -19.67 -8.30
C GLU A 102 1.49 -18.83 -7.18
N SER A 103 1.81 -19.50 -6.07
CA SER A 103 2.44 -18.88 -4.90
C SER A 103 3.60 -19.72 -4.41
N PRO A 104 4.66 -19.07 -3.91
CA PRO A 104 5.80 -19.83 -3.38
C PRO A 104 5.53 -20.42 -2.00
N ASN A 105 4.54 -19.91 -1.28
CA ASN A 105 4.35 -20.32 0.11
C ASN A 105 2.96 -20.83 0.46
N GLY A 106 1.99 -20.53 -0.41
CA GLY A 106 0.67 -21.10 -0.26
C GLY A 106 -0.33 -20.25 0.50
N ILE A 107 0.12 -19.18 1.13
CA ILE A 107 -0.81 -18.28 1.83
C ILE A 107 -0.82 -16.84 1.29
N ASP A 108 0.15 -16.49 0.47
CA ASP A 108 0.16 -15.17 -0.16
C ASP A 108 1.06 -15.13 -1.39
N ASN A 109 1.16 -13.97 -2.03
CA ASN A 109 1.95 -13.83 -3.26
C ASN A 109 1.52 -14.79 -4.36
N PHE A 110 0.21 -15.05 -4.42
CA PHE A 110 -0.35 -15.72 -5.58
C PHE A 110 -0.35 -14.73 -6.74
N ARG A 111 0.15 -15.19 -7.88
CA ARG A 111 0.18 -14.40 -9.10
C ARG A 111 -0.36 -15.23 -10.24
N PHE A 112 -1.18 -14.62 -11.10
CA PHE A 112 -1.69 -15.37 -12.24
C PHE A 112 -0.59 -15.56 -13.27
N TRP A 113 -0.55 -16.74 -13.88
CA TRP A 113 0.22 -16.94 -15.09
C TRP A 113 -0.24 -15.92 -16.12
N GLU A 114 0.64 -15.46 -16.99
CA GLU A 114 0.32 -14.32 -17.86
C GLU A 114 -0.87 -14.59 -18.78
N TYR A 115 -1.01 -15.84 -19.21
CA TYR A 115 -2.17 -16.27 -19.98
C TYR A 115 -3.04 -17.19 -19.15
N PRO A 116 -4.37 -17.07 -19.28
CA PRO A 116 -5.25 -17.99 -18.57
C PRO A 116 -5.27 -19.32 -19.33
N VAL A 117 -6.19 -20.20 -18.93
CA VAL A 117 -6.24 -21.55 -19.48
C VAL A 117 -7.02 -21.60 -20.80
N THR A 118 -6.39 -22.17 -21.82
CA THR A 118 -7.10 -22.45 -23.07
C THR A 118 -7.58 -23.89 -23.05
N LEU A 119 -8.91 -24.05 -23.02
CA LEU A 119 -9.54 -25.34 -22.89
C LEU A 119 -10.38 -25.61 -24.13
N PRO A 120 -9.97 -26.60 -24.94
CA PRO A 120 -10.73 -26.94 -26.15
C PRO A 120 -12.14 -27.38 -25.82
N GLU A 121 -13.10 -27.04 -26.68
CA GLU A 121 -14.47 -27.54 -26.53
C GLU A 121 -14.50 -29.04 -26.79
N ASP A 122 -15.48 -29.71 -26.18
CA ASP A 122 -15.84 -31.08 -26.55
C ASP A 122 -16.72 -30.95 -27.79
N VAL A 123 -17.25 -32.06 -28.31
CA VAL A 123 -18.07 -32.03 -29.51
C VAL A 123 -19.20 -30.99 -29.43
N VAL A 124 -19.86 -30.91 -28.27
CA VAL A 124 -20.89 -29.91 -28.06
C VAL A 124 -20.31 -28.74 -27.27
N PRO A 125 -20.35 -27.54 -27.86
CA PRO A 125 -19.76 -26.35 -27.22
C PRO A 125 -20.47 -26.03 -25.92
N ALA A 126 -19.73 -25.50 -24.96
CA ALA A 126 -20.29 -25.07 -23.69
C ALA A 126 -20.37 -23.56 -23.61
N THR A 127 -21.38 -23.04 -22.91
CA THR A 127 -21.51 -21.61 -22.71
C THR A 127 -20.67 -21.13 -21.54
N ASN A 128 -20.75 -21.86 -20.44
CA ASN A 128 -19.94 -21.53 -19.29
C ASN A 128 -19.25 -22.78 -18.79
N VAL A 129 -18.01 -22.64 -18.35
CA VAL A 129 -17.32 -23.74 -17.71
C VAL A 129 -16.82 -23.27 -16.34
N TYR A 130 -16.89 -24.13 -15.34
CA TYR A 130 -16.53 -23.70 -13.99
C TYR A 130 -16.17 -24.81 -12.99
N ASP A 131 -15.51 -24.40 -11.91
CA ASP A 131 -15.29 -25.22 -10.71
C ASP A 131 -14.45 -26.46 -10.96
N MET A 132 -13.21 -26.27 -11.39
CA MET A 132 -12.42 -27.44 -11.82
C MET A 132 -11.74 -28.09 -10.64
N ARG A 133 -11.82 -29.42 -10.56
CA ARG A 133 -11.06 -30.17 -9.56
C ARG A 133 -9.93 -30.85 -10.25
N LEU A 134 -8.71 -30.58 -9.79
CA LEU A 134 -7.49 -31.17 -10.34
C LEU A 134 -7.13 -32.44 -9.62
N THR A 135 -6.74 -33.46 -10.37
CA THR A 135 -6.31 -34.73 -9.77
C THR A 135 -5.06 -35.19 -10.48
N ALA A 136 -3.96 -35.27 -9.75
CA ALA A 136 -2.75 -35.90 -10.27
C ALA A 136 -3.04 -37.38 -10.11
N HIS A 137 -3.44 -38.01 -11.21
CA HIS A 137 -3.79 -39.42 -11.17
C HIS A 137 -2.55 -40.29 -11.32
N GLU A 138 -2.61 -41.51 -10.78
CA GLU A 138 -1.47 -42.42 -10.86
C GLU A 138 -1.15 -42.84 -12.30
N ASP A 139 -2.06 -42.58 -13.23
CA ASP A 139 -1.79 -42.86 -14.64
C ASP A 139 -0.86 -41.81 -15.29
N GLY A 140 -0.43 -40.84 -14.49
CA GLY A 140 0.58 -39.91 -14.94
C GLY A 140 0.04 -38.63 -15.54
N TRP A 141 -1.28 -38.52 -15.67
CA TRP A 141 -1.91 -37.27 -16.13
C TRP A 141 -2.42 -36.40 -14.96
N ILE A 142 -2.49 -35.09 -15.18
CA ILE A 142 -3.30 -34.22 -14.30
C ILE A 142 -4.65 -34.09 -14.97
N TYR A 143 -5.70 -34.48 -14.27
CA TYR A 143 -7.05 -34.33 -14.80
C TYR A 143 -7.68 -33.10 -14.21
N GLY A 144 -8.50 -32.44 -15.02
CA GLY A 144 -9.38 -31.39 -14.56
C GLY A 144 -10.80 -31.82 -14.86
N ILE A 145 -11.61 -32.04 -13.83
CA ILE A 145 -13.01 -32.35 -14.01
C ILE A 145 -13.77 -31.11 -13.62
N PHE A 146 -14.68 -30.67 -14.47
CA PHE A 146 -15.33 -29.37 -14.31
C PHE A 146 -16.79 -29.39 -14.75
N CYS A 147 -17.49 -28.27 -14.60
CA CYS A 147 -18.88 -28.25 -15.00
C CYS A 147 -18.95 -27.51 -16.32
N ALA A 148 -19.61 -28.11 -17.30
CA ALA A 148 -19.80 -27.48 -18.60
C ALA A 148 -21.28 -27.23 -18.75
N GLU A 149 -21.68 -25.96 -18.79
CA GLU A 149 -23.09 -25.64 -18.76
C GLU A 149 -23.54 -25.10 -20.10
N ARG A 150 -24.75 -25.48 -20.49
CA ARG A 150 -25.37 -25.06 -21.75
C ARG A 150 -26.82 -24.65 -21.52
N HIS A 151 -27.35 -23.75 -22.35
CA HIS A 151 -28.76 -23.41 -22.21
C HIS A 151 -29.59 -24.63 -22.59
N ASP A 152 -30.66 -24.87 -21.84
CA ASP A 152 -31.58 -25.95 -22.19
C ASP A 152 -32.41 -25.42 -23.33
N ASP A 153 -32.02 -25.76 -24.56
CA ASP A 153 -32.70 -25.25 -25.75
C ASP A 153 -34.16 -25.73 -25.87
N ASN A 154 -34.58 -26.57 -24.93
CA ASN A 154 -35.98 -26.96 -24.82
C ASN A 154 -36.63 -26.38 -23.57
N ALA A 155 -37.03 -25.11 -23.65
CA ALA A 155 -37.62 -24.40 -22.53
C ALA A 155 -38.77 -23.55 -23.05
N PRO A 156 -39.72 -23.18 -22.18
CA PRO A 156 -40.79 -22.27 -22.60
C PRO A 156 -40.23 -21.00 -23.23
N ILE A 157 -40.99 -20.36 -24.13
CA ILE A 157 -40.48 -19.17 -24.81
C ILE A 157 -40.13 -18.10 -23.78
N GLY A 158 -39.04 -17.39 -24.02
CA GLY A 158 -38.60 -16.37 -23.09
C GLY A 158 -37.87 -16.91 -21.87
N ASP A 159 -37.80 -18.23 -21.74
CA ASP A 159 -37.00 -18.82 -20.66
C ASP A 159 -35.54 -18.89 -21.12
N LEU A 160 -34.75 -17.95 -20.64
CA LEU A 160 -33.34 -17.89 -21.02
C LEU A 160 -32.47 -18.30 -19.83
N SER A 161 -33.06 -19.00 -18.88
CA SER A 161 -32.38 -19.34 -17.64
C SER A 161 -32.20 -20.84 -17.46
N SER A 162 -33.10 -21.63 -18.05
CA SER A 162 -33.03 -23.08 -17.92
C SER A 162 -31.77 -23.58 -18.59
N ALA A 163 -31.02 -24.40 -17.86
CA ALA A 163 -29.73 -24.88 -18.33
C ALA A 163 -29.54 -26.36 -18.02
N THR A 164 -28.59 -26.97 -18.71
CA THR A 164 -28.14 -28.32 -18.42
C THR A 164 -26.63 -28.25 -18.22
N ALA A 165 -26.05 -29.27 -17.62
CA ALA A 165 -24.64 -29.22 -17.36
C ALA A 165 -24.09 -30.64 -17.34
N THR A 166 -22.92 -30.82 -17.94
CA THR A 166 -22.28 -32.12 -17.93
C THR A 166 -20.98 -32.03 -17.12
N ALA A 167 -20.40 -33.17 -16.80
CA ALA A 167 -19.06 -33.18 -16.23
C ALA A 167 -18.05 -33.14 -17.37
N GLY A 168 -17.36 -32.01 -17.50
CA GLY A 168 -16.26 -31.90 -18.44
C GLY A 168 -14.98 -32.56 -17.92
N ILE A 169 -14.26 -33.21 -18.83
CA ILE A 169 -13.03 -33.91 -18.49
C ILE A 169 -11.94 -33.46 -19.44
N ALA A 170 -10.89 -32.87 -18.86
CA ALA A 170 -9.70 -32.53 -19.62
C ALA A 170 -8.48 -33.07 -18.89
N ARG A 171 -7.38 -33.27 -19.61
CA ARG A 171 -6.16 -33.67 -18.94
C ARG A 171 -4.95 -32.98 -19.54
N THR A 172 -3.88 -32.90 -18.76
CA THR A 172 -2.72 -32.15 -19.17
C THR A 172 -1.49 -32.69 -18.45
N LYS A 173 -0.30 -32.42 -19.00
CA LYS A 173 0.91 -32.71 -18.26
C LYS A 173 1.67 -31.44 -17.88
N ASP A 174 1.16 -30.28 -18.30
CA ASP A 174 1.86 -29.03 -18.00
C ASP A 174 0.97 -27.87 -17.53
N LEU A 175 -0.34 -28.10 -17.52
CA LEU A 175 -1.33 -27.07 -17.14
C LEU A 175 -1.44 -25.93 -18.17
N LYS A 176 -0.84 -26.13 -19.34
CA LYS A 176 -0.91 -25.16 -20.43
C LYS A 176 -1.57 -25.77 -21.64
N ASN A 177 -1.14 -26.97 -21.99
CA ASN A 177 -1.68 -27.68 -23.12
C ASN A 177 -2.63 -28.75 -22.60
N TRP A 178 -3.91 -28.55 -22.88
CA TRP A 178 -4.98 -29.41 -22.36
C TRP A 178 -5.65 -30.19 -23.46
N GLU A 179 -5.92 -31.45 -23.19
CA GLU A 179 -6.66 -32.30 -24.09
C GLU A 179 -8.07 -32.46 -23.56
N ARG A 180 -9.06 -32.22 -24.39
CA ARG A 180 -10.44 -32.33 -23.94
C ARG A 180 -10.98 -33.71 -24.27
N LEU A 181 -11.34 -34.48 -23.25
CA LEU A 181 -11.90 -35.80 -23.47
C LEU A 181 -13.43 -35.68 -23.58
N PRO A 182 -14.12 -36.76 -23.95
CA PRO A 182 -15.56 -36.56 -24.06
C PRO A 182 -16.24 -36.30 -22.72
N ASP A 183 -17.24 -35.42 -22.70
CA ASP A 183 -18.02 -35.14 -21.49
C ASP A 183 -18.52 -36.47 -20.92
N LEU A 184 -18.64 -36.53 -19.60
CA LEU A 184 -19.16 -37.71 -18.92
C LEU A 184 -20.56 -38.05 -19.38
N LYS A 185 -20.76 -39.31 -19.79
CA LYS A 185 -22.09 -39.79 -20.14
C LYS A 185 -22.78 -40.31 -18.89
N THR A 186 -24.05 -39.95 -18.75
CA THR A 186 -24.74 -40.22 -17.49
C THR A 186 -26.26 -40.11 -17.65
N LYS A 187 -27.00 -40.87 -16.85
CA LYS A 187 -28.45 -40.81 -16.87
C LYS A 187 -28.97 -39.57 -16.14
N SER A 188 -28.43 -39.31 -14.95
CA SER A 188 -28.77 -38.13 -14.18
C SER A 188 -27.85 -36.97 -14.52
N GLN A 189 -28.32 -35.75 -14.33
CA GLN A 189 -27.45 -34.58 -14.37
C GLN A 189 -26.35 -34.74 -13.32
N GLN A 190 -25.13 -34.33 -13.67
CA GLN A 190 -24.00 -34.42 -12.74
C GLN A 190 -23.34 -33.06 -12.56
N ARG A 191 -22.98 -32.76 -11.31
CA ARG A 191 -22.12 -31.63 -10.98
C ARG A 191 -21.24 -32.08 -9.82
N ASN A 192 -20.22 -31.30 -9.50
CA ASN A 192 -19.29 -31.68 -8.45
C ASN A 192 -18.65 -33.06 -8.65
N VAL A 193 -18.40 -33.41 -9.91
CA VAL A 193 -17.73 -34.66 -10.24
C VAL A 193 -16.23 -34.49 -10.01
N VAL A 194 -15.61 -35.48 -9.38
CA VAL A 194 -14.23 -35.35 -8.93
C VAL A 194 -13.51 -36.68 -9.18
N LEU A 195 -12.30 -36.64 -9.74
CA LEU A 195 -11.54 -37.88 -9.95
C LEU A 195 -10.73 -38.32 -8.74
N HIS A 196 -10.97 -39.56 -8.30
CA HIS A 196 -10.21 -40.16 -7.21
C HIS A 196 -8.81 -40.45 -7.75
N PRO A 197 -7.77 -40.23 -6.92
CA PRO A 197 -6.44 -40.24 -7.55
C PRO A 197 -5.84 -41.64 -7.77
N GLU A 198 -6.49 -42.68 -7.29
CA GLU A 198 -6.00 -44.04 -7.49
C GLU A 198 -7.01 -44.87 -8.26
N PHE A 199 -6.51 -45.80 -9.07
CA PHE A 199 -7.37 -46.85 -9.62
C PHE A 199 -8.00 -47.64 -8.49
N VAL A 200 -9.25 -48.04 -8.67
CA VAL A 200 -9.94 -48.89 -7.71
C VAL A 200 -10.49 -50.07 -8.50
N ASP A 201 -10.18 -51.29 -8.08
CA ASP A 201 -10.46 -52.48 -8.87
C ASP A 201 -9.97 -52.30 -10.31
N GLY A 202 -8.85 -51.61 -10.45
CA GLY A 202 -8.23 -51.39 -11.75
C GLY A 202 -9.05 -50.47 -12.65
N LYS A 203 -9.94 -49.69 -12.05
CA LYS A 203 -10.74 -48.73 -12.81
C LYS A 203 -10.58 -47.32 -12.28
N TYR A 204 -10.90 -46.33 -13.12
CA TYR A 204 -10.99 -44.96 -12.67
C TYR A 204 -12.20 -44.85 -11.73
N ALA A 205 -12.10 -44.02 -10.71
CA ALA A 205 -13.23 -43.83 -9.79
C ALA A 205 -13.57 -42.37 -9.70
N LEU A 206 -14.85 -42.07 -9.86
CA LEU A 206 -15.32 -40.68 -9.79
C LEU A 206 -16.19 -40.47 -8.57
N TYR A 207 -16.04 -39.33 -7.90
CA TYR A 207 -17.08 -38.84 -7.00
C TYR A 207 -18.11 -38.15 -7.86
N THR A 208 -19.38 -38.45 -7.60
CA THR A 208 -20.47 -37.91 -8.40
C THR A 208 -21.49 -37.26 -7.49
N ARG A 209 -22.48 -36.59 -8.09
CA ARG A 209 -23.55 -35.97 -7.33
C ARG A 209 -24.75 -35.94 -8.25
N PRO A 210 -25.47 -37.07 -8.34
CA PRO A 210 -26.59 -37.16 -9.28
C PRO A 210 -27.77 -36.28 -8.86
N GLN A 211 -28.40 -35.62 -9.83
CA GLN A 211 -29.60 -34.82 -9.60
C GLN A 211 -30.59 -34.96 -10.74
N GLY A 220 -31.83 -36.86 -5.70
CA GLY A 220 -30.42 -37.18 -5.48
C GLY A 220 -30.12 -37.47 -4.03
N GLY A 221 -29.51 -38.62 -3.76
CA GLY A 221 -29.27 -39.05 -2.39
C GLY A 221 -28.11 -38.37 -1.69
N GLY A 222 -27.11 -37.94 -2.45
CA GLY A 222 -25.93 -37.33 -1.88
C GLY A 222 -24.72 -37.41 -2.80
N ILE A 223 -23.54 -37.63 -2.20
CA ILE A 223 -22.31 -37.73 -2.97
C ILE A 223 -22.13 -39.19 -3.38
N GLY A 224 -21.94 -39.44 -4.67
CA GLY A 224 -21.88 -40.80 -5.15
C GLY A 224 -20.51 -41.28 -5.59
N TRP A 225 -20.42 -42.58 -5.86
CA TRP A 225 -19.17 -43.22 -6.27
C TRP A 225 -19.44 -44.06 -7.52
N ALA A 226 -18.67 -43.82 -8.57
CA ALA A 226 -18.88 -44.48 -9.85
C ALA A 226 -17.55 -44.96 -10.41
N LEU A 227 -17.45 -46.26 -10.69
CA LEU A 227 -16.25 -46.79 -11.32
C LEU A 227 -16.37 -46.68 -12.83
N ILE A 228 -15.28 -46.24 -13.45
CA ILE A 228 -15.25 -45.90 -14.87
C ILE A 228 -14.14 -46.71 -15.52
N ASP A 229 -14.47 -47.52 -16.52
CA ASP A 229 -13.47 -48.36 -17.16
C ASP A 229 -12.44 -47.53 -17.92
N ASP A 230 -12.93 -46.57 -18.69
CA ASP A 230 -12.10 -45.81 -19.61
C ASP A 230 -12.40 -44.32 -19.49
N ILE A 231 -11.46 -43.57 -18.94
CA ILE A 231 -11.64 -42.14 -18.72
C ILE A 231 -11.76 -41.37 -20.05
N THR A 232 -11.30 -41.99 -21.14
CA THR A 232 -11.36 -41.34 -22.46
C THR A 232 -12.69 -41.62 -23.15
N HIS A 233 -13.50 -42.47 -22.54
CA HIS A 233 -14.88 -42.67 -22.96
C HIS A 233 -15.76 -42.86 -21.74
N ALA A 234 -15.69 -41.88 -20.82
CA ALA A 234 -16.27 -42.03 -19.49
C ALA A 234 -17.79 -42.10 -19.52
N GLU A 235 -18.34 -43.14 -18.90
CA GLU A 235 -19.78 -43.28 -18.74
C GLU A 235 -20.13 -43.92 -17.40
N VAL A 236 -21.05 -43.29 -16.68
CA VAL A 236 -21.50 -43.82 -15.39
C VAL A 236 -22.42 -45.02 -15.63
N GLY A 237 -22.12 -46.14 -14.99
CA GLY A 237 -23.03 -47.27 -14.95
C GLY A 237 -23.60 -47.38 -13.55
N GLU A 238 -23.04 -48.29 -12.75
CA GLU A 238 -23.41 -48.41 -11.35
C GLU A 238 -22.95 -47.18 -10.59
N GLU A 239 -23.82 -46.71 -9.70
CA GLU A 239 -23.54 -45.55 -8.88
C GLU A 239 -23.99 -45.84 -7.44
N LYS A 240 -23.12 -45.53 -6.49
CA LYS A 240 -23.35 -45.81 -5.09
C LYS A 240 -23.22 -44.53 -4.26
N ILE A 241 -24.21 -44.20 -3.45
CA ILE A 241 -24.11 -43.01 -2.61
C ILE A 241 -23.20 -43.27 -1.41
N ILE A 242 -22.22 -42.40 -1.19
CA ILE A 242 -21.24 -42.58 -0.11
C ILE A 242 -21.61 -41.71 1.08
N ASP A 243 -21.97 -40.46 0.81
CA ASP A 243 -22.33 -39.56 1.90
C ASP A 243 -23.69 -38.93 1.62
N LYS A 244 -24.63 -39.16 2.53
CA LYS A 244 -26.03 -38.83 2.34
C LYS A 244 -26.45 -37.45 2.85
N ARG A 245 -27.47 -36.89 2.22
CA ARG A 245 -28.14 -35.71 2.74
C ARG A 245 -29.00 -36.15 3.91
N TYR A 246 -29.21 -35.25 4.87
CA TYR A 246 -30.07 -35.54 6.00
C TYR A 246 -30.88 -34.31 6.39
N TYR A 247 -32.16 -34.54 6.68
CA TYR A 247 -33.03 -33.49 7.23
C TYR A 247 -32.44 -32.79 8.45
N HIS A 248 -32.51 -31.46 8.42
CA HIS A 248 -32.10 -30.59 9.52
C HIS A 248 -30.63 -30.68 9.89
N THR A 249 -29.80 -31.03 8.90
CA THR A 249 -28.36 -30.87 8.99
C THR A 249 -27.91 -29.78 8.02
N ILE A 250 -26.62 -29.47 8.06
CA ILE A 250 -26.02 -28.50 7.16
C ILE A 250 -26.02 -28.98 5.71
N LYS A 251 -26.34 -30.25 5.50
CA LYS A 251 -26.40 -30.83 4.17
C LYS A 251 -27.78 -31.40 3.91
N GLU A 252 -28.80 -30.56 4.04
CA GLU A 252 -30.18 -31.01 3.88
C GLU A 252 -30.65 -31.01 2.43
N VAL A 253 -30.45 -29.88 1.73
CA VAL A 253 -30.98 -29.70 0.39
C VAL A 253 -30.05 -30.28 -0.67
N LYS A 254 -28.75 -30.02 -0.50
CA LYS A 254 -27.75 -30.52 -1.44
C LYS A 254 -26.48 -30.82 -0.66
N ASN A 255 -25.62 -31.62 -1.29
CA ASN A 255 -24.23 -31.68 -0.87
C ASN A 255 -23.36 -31.97 -2.09
N GLY A 256 -22.05 -31.93 -1.93
CA GLY A 256 -21.18 -32.25 -3.05
C GLY A 256 -19.74 -32.31 -2.63
N GLU A 257 -18.98 -33.23 -3.24
CA GLU A 257 -17.56 -33.32 -2.97
C GLU A 257 -16.88 -32.04 -3.35
N GLY A 258 -15.88 -31.64 -2.56
CA GLY A 258 -15.04 -30.50 -2.92
C GLY A 258 -13.87 -30.99 -3.74
N PRO A 259 -12.65 -30.79 -3.25
CA PRO A 259 -11.47 -31.32 -3.95
C PRO A 259 -11.41 -32.82 -3.75
N HIS A 260 -10.55 -33.54 -4.49
CA HIS A 260 -10.40 -34.96 -4.20
C HIS A 260 -9.82 -35.13 -2.81
N PRO A 261 -10.19 -36.22 -2.13
CA PRO A 261 -9.75 -36.38 -0.74
C PRO A 261 -8.24 -36.57 -0.63
N ILE A 262 -7.74 -36.40 0.59
CA ILE A 262 -6.33 -36.60 0.91
C ILE A 262 -6.19 -37.97 1.55
N LYS A 263 -5.21 -38.76 1.14
CA LYS A 263 -4.99 -40.06 1.77
C LYS A 263 -4.20 -39.90 3.08
N THR A 264 -4.72 -40.46 4.17
CA THR A 264 -4.01 -40.48 5.43
C THR A 264 -3.90 -41.93 5.90
N PRO A 265 -2.99 -42.22 6.85
CA PRO A 265 -2.95 -43.59 7.37
C PRO A 265 -4.29 -44.04 7.98
N GLN A 266 -5.13 -43.09 8.35
CA GLN A 266 -6.40 -43.39 9.02
C GLN A 266 -7.56 -43.55 8.04
N GLY A 267 -7.33 -43.20 6.77
CA GLY A 267 -8.38 -43.26 5.76
C GLY A 267 -8.36 -42.07 4.83
N TRP A 268 -9.30 -42.03 3.89
CA TRP A 268 -9.45 -40.88 3.01
C TRP A 268 -10.11 -39.73 3.74
N LEU A 269 -9.49 -38.56 3.65
CA LEU A 269 -9.97 -37.37 4.34
C LEU A 269 -10.69 -36.48 3.31
N HIS A 270 -11.99 -36.25 3.50
CA HIS A 270 -12.79 -35.55 2.49
C HIS A 270 -13.20 -34.16 2.92
N LEU A 271 -13.28 -33.24 1.95
CA LEU A 271 -13.87 -31.94 2.17
C LEU A 271 -14.98 -31.73 1.15
N ALA A 272 -16.16 -31.35 1.64
CA ALA A 272 -17.37 -31.25 0.83
C ALA A 272 -18.13 -29.95 1.19
N HIS A 273 -19.18 -29.65 0.44
CA HIS A 273 -20.06 -28.55 0.80
C HIS A 273 -21.47 -29.08 1.02
N GLY A 274 -22.21 -28.40 1.89
CA GLY A 274 -23.57 -28.79 2.19
C GLY A 274 -24.49 -27.58 2.08
N VAL A 275 -25.72 -27.79 1.63
CA VAL A 275 -26.65 -26.68 1.39
C VAL A 275 -27.93 -26.88 2.19
N ARG A 276 -28.48 -25.77 2.69
CA ARG A 276 -29.84 -25.79 3.21
C ARG A 276 -30.52 -24.52 2.71
N ASN A 277 -31.84 -24.50 2.75
CA ASN A 277 -32.58 -23.31 2.39
C ASN A 277 -32.95 -22.51 3.63
N CYS A 278 -32.99 -21.19 3.51
CA CYS A 278 -33.47 -20.31 4.59
C CYS A 278 -34.19 -19.13 3.97
N ALA A 279 -34.65 -18.20 4.80
CA ALA A 279 -35.41 -17.06 4.31
C ALA A 279 -34.64 -16.18 3.33
N ALA A 280 -33.31 -16.27 3.37
CA ALA A 280 -32.45 -15.46 2.51
C ALA A 280 -31.98 -16.20 1.26
N GLY A 281 -32.38 -17.46 1.11
CA GLY A 281 -31.96 -18.25 -0.04
C GLY A 281 -31.18 -19.48 0.40
N LEU A 282 -30.30 -19.97 -0.46
CA LEU A 282 -29.52 -21.17 -0.15
C LEU A 282 -28.24 -20.80 0.61
N ARG A 283 -27.94 -21.58 1.65
CA ARG A 283 -26.79 -21.31 2.50
C ARG A 283 -25.80 -22.45 2.35
N TYR A 284 -24.58 -22.12 1.95
CA TYR A 284 -23.54 -23.12 1.67
C TYR A 284 -22.46 -23.10 2.74
N VAL A 285 -22.18 -24.24 3.37
CA VAL A 285 -21.05 -24.36 4.28
C VAL A 285 -20.18 -25.56 3.89
N LEU A 286 -18.99 -25.66 4.49
CA LEU A 286 -18.11 -26.80 4.25
C LEU A 286 -18.24 -27.82 5.35
N TYR A 287 -18.06 -29.09 5.01
CA TYR A 287 -18.01 -30.14 6.02
C TYR A 287 -17.01 -31.21 5.62
N MET A 288 -16.66 -32.08 6.56
CA MET A 288 -15.68 -33.13 6.29
C MET A 288 -16.21 -34.53 6.63
N TYR A 289 -15.61 -35.54 6.03
CA TYR A 289 -15.95 -36.90 6.40
C TYR A 289 -14.77 -37.75 6.01
N MET A 290 -14.71 -38.98 6.52
CA MET A 290 -13.63 -39.89 6.16
C MET A 290 -14.18 -41.21 5.67
N THR A 291 -13.46 -41.85 4.74
CA THR A 291 -13.82 -43.18 4.28
C THR A 291 -12.61 -44.08 4.41
N SER A 292 -12.86 -45.38 4.30
CA SER A 292 -11.85 -46.40 4.58
C SER A 292 -10.82 -46.56 3.46
N LEU A 293 -9.57 -46.84 3.84
CA LEU A 293 -8.55 -47.17 2.84
C LEU A 293 -8.89 -48.49 2.14
N ASP A 294 -9.37 -49.45 2.92
CA ASP A 294 -9.70 -50.75 2.34
C ASP A 294 -10.87 -50.67 1.37
N ASP A 295 -11.86 -49.85 1.69
CA ASP A 295 -13.03 -49.67 0.87
C ASP A 295 -13.36 -48.20 0.90
N PRO A 296 -12.92 -47.45 -0.10
CA PRO A 296 -13.18 -46.01 -0.12
C PRO A 296 -14.66 -45.65 -0.19
N THR A 297 -15.58 -46.62 -0.35
CA THR A 297 -17.00 -46.31 -0.41
C THR A 297 -17.63 -46.34 0.98
N ARG A 298 -16.83 -46.73 1.95
CA ARG A 298 -17.33 -46.96 3.31
C ARG A 298 -16.96 -45.82 4.24
N LEU A 299 -17.97 -45.15 4.77
CA LEU A 299 -17.73 -44.05 5.71
C LEU A 299 -17.17 -44.58 7.03
N ILE A 300 -16.15 -43.92 7.55
CA ILE A 300 -15.61 -44.28 8.85
C ILE A 300 -15.57 -43.09 9.82
N ALA A 301 -15.87 -41.89 9.32
CA ALA A 301 -15.97 -40.73 10.19
C ALA A 301 -16.92 -39.67 9.66
N SER A 302 -17.85 -39.26 10.53
CA SER A 302 -18.87 -38.30 10.15
C SER A 302 -19.02 -37.33 11.30
N PRO A 303 -18.05 -36.42 11.44
CA PRO A 303 -18.18 -35.44 12.53
C PRO A 303 -19.46 -34.61 12.31
N ALA A 304 -20.17 -34.29 13.38
CA ALA A 304 -21.40 -33.51 13.24
C ALA A 304 -21.18 -32.11 12.68
N GLY A 305 -22.16 -31.62 11.92
CA GLY A 305 -22.25 -30.21 11.60
C GLY A 305 -21.27 -29.75 10.55
N TYR A 306 -21.05 -28.44 10.51
CA TYR A 306 -20.12 -27.86 9.55
C TYR A 306 -18.69 -27.78 10.07
N PHE A 307 -17.76 -27.81 9.12
CA PHE A 307 -16.34 -27.67 9.38
C PHE A 307 -15.99 -26.18 9.32
N MET A 308 -16.49 -25.50 8.30
CA MET A 308 -16.35 -24.04 8.19
C MET A 308 -17.64 -23.47 7.63
N ALA A 309 -18.00 -22.27 8.11
CA ALA A 309 -19.16 -21.50 7.66
C ALA A 309 -18.71 -20.05 7.49
N PRO A 310 -19.44 -19.25 6.72
CA PRO A 310 -19.02 -17.86 6.50
C PRO A 310 -18.88 -17.05 7.79
N VAL A 311 -17.71 -16.41 7.93
CA VAL A 311 -17.39 -15.54 9.05
C VAL A 311 -17.04 -14.14 8.50
N GLY A 312 -17.59 -13.09 9.10
CA GLY A 312 -17.20 -11.73 8.76
C GLY A 312 -17.35 -11.41 7.28
N GLU A 313 -16.28 -10.94 6.66
CA GLU A 313 -16.29 -10.51 5.25
C GLU A 313 -16.74 -11.60 4.29
N GLU A 314 -16.56 -12.86 4.70
CA GLU A 314 -16.95 -14.00 3.87
C GLU A 314 -18.44 -14.06 3.62
N ARG A 315 -19.22 -13.45 4.50
CA ARG A 315 -20.68 -13.56 4.45
C ARG A 315 -21.27 -12.82 3.24
N ILE A 316 -20.51 -11.89 2.68
CA ILE A 316 -21.05 -10.96 1.68
C ILE A 316 -20.33 -11.05 0.33
N GLY A 317 -21.11 -11.10 -0.74
CA GLY A 317 -20.54 -11.09 -2.09
C GLY A 317 -21.64 -11.20 -3.12
N ASP A 318 -21.25 -11.55 -4.35
CA ASP A 318 -22.24 -11.75 -5.43
C ASP A 318 -23.31 -12.75 -5.06
N VAL A 319 -22.90 -13.82 -4.36
CA VAL A 319 -23.84 -14.83 -3.89
C VAL A 319 -23.56 -15.07 -2.40
N SER A 320 -24.18 -14.23 -1.57
CA SER A 320 -23.84 -14.19 -0.15
C SER A 320 -24.18 -15.49 0.59
N ASN A 321 -23.64 -15.64 1.79
CA ASN A 321 -23.97 -16.77 2.66
C ASN A 321 -23.42 -18.09 2.09
N VAL A 322 -22.28 -18.01 1.42
CA VAL A 322 -21.67 -19.18 0.78
C VAL A 322 -20.18 -19.34 1.09
N LEU A 323 -19.78 -20.53 1.51
CA LEU A 323 -18.41 -20.95 1.40
C LEU A 323 -18.40 -22.14 0.43
N PHE A 324 -17.34 -22.24 -0.37
CA PHE A 324 -17.20 -23.33 -1.34
C PHE A 324 -15.73 -23.68 -1.47
N SER A 325 -15.41 -24.97 -1.61
CA SER A 325 -14.01 -25.33 -1.87
C SER A 325 -13.91 -26.49 -2.85
N ASN A 326 -13.08 -26.32 -3.87
CA ASN A 326 -12.77 -27.45 -4.74
C ASN A 326 -11.25 -27.61 -4.90
N GLY A 327 -10.51 -27.24 -3.87
CA GLY A 327 -9.07 -27.33 -3.89
C GLY A 327 -8.41 -27.25 -2.52
N TRP A 328 -7.43 -28.11 -2.31
CA TRP A 328 -6.54 -27.99 -1.15
C TRP A 328 -5.22 -28.70 -1.44
N ILE A 329 -4.21 -28.39 -0.63
CA ILE A 329 -2.88 -28.96 -0.77
C ILE A 329 -2.40 -29.45 0.58
N ALA A 330 -1.88 -30.67 0.61
CA ALA A 330 -1.23 -31.20 1.80
C ALA A 330 0.24 -31.45 1.48
N ASP A 331 1.14 -30.77 2.21
CA ASP A 331 2.57 -30.97 2.05
C ASP A 331 3.02 -32.24 2.76
N ASP A 332 4.23 -32.70 2.42
CA ASP A 332 4.77 -33.93 3.01
C ASP A 332 4.88 -33.87 4.52
N ASP A 333 5.03 -32.65 5.06
CA ASP A 333 5.19 -32.48 6.49
C ASP A 333 3.87 -32.46 7.24
N GLY A 334 2.76 -32.58 6.51
CA GLY A 334 1.46 -32.67 7.15
C GLY A 334 0.68 -31.37 7.16
N LYS A 335 1.33 -30.29 6.73
CA LYS A 335 0.64 -29.01 6.65
C LYS A 335 -0.39 -29.00 5.51
N VAL A 336 -1.58 -28.50 5.81
CA VAL A 336 -2.66 -28.50 4.84
C VAL A 336 -3.09 -27.08 4.56
N PHE A 337 -3.23 -26.77 3.27
CA PHE A 337 -3.69 -25.46 2.83
C PHE A 337 -5.06 -25.63 2.19
N ILE A 338 -6.08 -25.02 2.77
CA ILE A 338 -7.43 -25.19 2.25
C ILE A 338 -7.84 -23.93 1.49
N TYR A 339 -8.12 -24.08 0.20
CA TYR A 339 -8.49 -22.94 -0.62
C TYR A 339 -10.00 -22.90 -0.78
N TYR A 340 -10.62 -21.84 -0.27
CA TYR A 340 -12.08 -21.79 -0.27
C TYR A 340 -12.59 -20.42 -0.71
N ALA A 341 -13.64 -20.42 -1.53
CA ALA A 341 -14.22 -19.18 -1.98
C ALA A 341 -15.23 -18.72 -0.96
N SER A 342 -15.45 -17.43 -0.88
CA SER A 342 -16.57 -16.95 -0.08
C SER A 342 -17.47 -16.19 -1.03
N SER A 343 -18.76 -16.49 -0.94
CA SER A 343 -19.82 -15.72 -1.60
C SER A 343 -19.63 -15.58 -3.10
N ASP A 344 -19.02 -16.59 -3.72
CA ASP A 344 -18.77 -16.61 -5.17
C ASP A 344 -17.98 -15.40 -5.64
N THR A 345 -17.18 -14.80 -4.76
CA THR A 345 -16.54 -13.52 -5.09
C THR A 345 -15.02 -13.50 -4.99
N ARG A 346 -14.48 -14.18 -3.97
CA ARG A 346 -13.06 -14.10 -3.67
C ARG A 346 -12.56 -15.43 -3.11
N MET A 347 -11.24 -15.65 -3.20
CA MET A 347 -10.62 -16.87 -2.66
C MET A 347 -9.88 -16.59 -1.36
N HIS A 348 -10.00 -17.52 -0.41
CA HIS A 348 -9.33 -17.43 0.88
C HIS A 348 -8.47 -18.68 1.09
N VAL A 349 -7.53 -18.60 2.03
CA VAL A 349 -6.83 -19.79 2.50
C VAL A 349 -7.11 -20.02 3.99
N ALA A 350 -7.16 -21.28 4.40
CA ALA A 350 -7.16 -21.63 5.81
C ALA A 350 -6.14 -22.75 5.97
N THR A 351 -5.44 -22.77 7.11
CA THR A 351 -4.40 -23.78 7.32
C THR A 351 -4.68 -24.67 8.51
N SER A 352 -4.26 -25.91 8.38
CA SER A 352 -4.39 -26.89 9.44
C SER A 352 -3.31 -27.92 9.21
N THR A 353 -3.41 -29.05 9.88
CA THR A 353 -2.53 -30.18 9.61
C THR A 353 -3.34 -31.46 9.43
N ILE A 354 -2.74 -32.45 8.77
CA ILE A 354 -3.40 -33.73 8.60
C ILE A 354 -3.82 -34.29 9.96
N GLU A 355 -2.91 -34.24 10.94
CA GLU A 355 -3.20 -34.75 12.28
C GLU A 355 -4.40 -34.06 12.91
N ARG A 356 -4.46 -32.75 12.78
CA ARG A 356 -5.56 -31.99 13.37
C ARG A 356 -6.89 -32.26 12.66
N LEU A 357 -6.86 -32.29 11.33
CA LEU A 357 -8.07 -32.61 10.57
C LEU A 357 -8.58 -34.02 10.83
N VAL A 358 -7.66 -34.97 11.00
CA VAL A 358 -8.05 -36.33 11.32
C VAL A 358 -8.67 -36.38 12.72
N ASP A 359 -8.03 -35.70 13.67
CA ASP A 359 -8.53 -35.67 15.04
C ASP A 359 -9.92 -35.02 15.09
N TYR A 360 -10.08 -33.92 14.36
CA TYR A 360 -11.38 -33.26 14.26
C TYR A 360 -12.45 -34.20 13.72
N CYS A 361 -12.11 -34.96 12.69
CA CYS A 361 -13.10 -35.90 12.12
C CYS A 361 -13.42 -37.04 13.06
N LEU A 362 -12.41 -37.51 13.77
CA LEU A 362 -12.56 -38.69 14.62
C LEU A 362 -13.21 -38.39 15.98
N HIS A 363 -13.03 -37.18 16.50
CA HIS A 363 -13.47 -36.90 17.87
C HIS A 363 -14.50 -35.77 18.07
N THR A 364 -14.92 -35.15 16.97
CA THR A 364 -16.11 -34.32 17.02
C THR A 364 -17.25 -35.33 17.00
N PRO A 365 -18.12 -35.30 18.03
CA PRO A 365 -19.21 -36.26 18.12
C PRO A 365 -20.05 -36.29 16.86
N GLN A 366 -20.55 -37.46 16.51
CA GLN A 366 -21.46 -37.58 15.37
C GLN A 366 -22.80 -36.97 15.69
N ASP A 367 -23.47 -36.48 14.65
CA ASP A 367 -24.80 -35.90 14.79
C ASP A 367 -25.81 -36.98 15.16
N GLY A 368 -26.46 -36.82 16.30
CA GLY A 368 -27.51 -37.75 16.72
C GLY A 368 -28.87 -37.33 16.17
N PHE A 369 -28.89 -36.23 15.43
CA PHE A 369 -30.04 -35.78 14.62
C PHE A 369 -31.24 -35.15 15.36
N SER A 370 -31.06 -34.68 16.58
CA SER A 370 -32.16 -33.99 17.28
C SER A 370 -31.66 -33.06 18.37
N SER A 371 -32.49 -32.09 18.74
CA SER A 371 -32.13 -31.18 19.81
C SER A 371 -31.78 -31.94 21.10
N SER A 372 -32.56 -32.97 21.39
CA SER A 372 -32.34 -33.74 22.60
C SER A 372 -30.98 -34.44 22.57
N ALA A 373 -30.65 -35.02 21.41
CA ALA A 373 -29.37 -35.70 21.24
C ALA A 373 -28.23 -34.70 21.36
N SER A 374 -28.38 -33.54 20.72
CA SER A 374 -27.37 -32.49 20.81
C SER A 374 -27.15 -32.03 22.26
N VAL A 375 -28.24 -31.85 23.01
CA VAL A 375 -28.13 -31.45 24.42
C VAL A 375 -27.39 -32.49 25.27
N GLU A 376 -27.64 -33.76 24.99
CA GLU A 376 -27.05 -34.83 25.80
C GLU A 376 -25.55 -34.96 25.57
N ILE A 377 -25.13 -34.76 24.33
CA ILE A 377 -23.70 -34.77 23.99
C ILE A 377 -23.00 -33.61 24.68
N LEU A 378 -23.64 -32.43 24.61
CA LEU A 378 -23.13 -31.22 25.23
C LEU A 378 -23.04 -31.37 26.75
N LYS A 379 -24.13 -31.85 27.37
CA LYS A 379 -24.15 -32.04 28.82
C LYS A 379 -23.06 -33.01 29.30
N ASN A 380 -22.75 -34.01 28.47
CA ASN A 380 -21.66 -34.93 28.81
C ASN A 380 -20.29 -34.25 28.83
N LEU A 381 -20.05 -33.37 27.86
CA LEU A 381 -18.78 -32.65 27.77
C LEU A 381 -18.66 -31.62 28.90
N ILE A 382 -19.75 -30.92 29.18
CA ILE A 382 -19.76 -29.98 30.29
C ILE A 382 -19.41 -30.69 31.58
N GLU A 383 -20.06 -31.83 31.80
CA GLU A 383 -19.82 -32.58 33.04
C GLU A 383 -18.36 -32.99 33.22
N ARG A 384 -17.74 -33.51 32.16
CA ARG A 384 -16.31 -33.83 32.18
C ARG A 384 -15.46 -32.60 32.50
N ASN A 385 -15.77 -31.48 31.86
CA ASN A 385 -14.99 -30.26 32.05
C ASN A 385 -15.11 -29.65 33.45
N LEU A 386 -16.32 -29.62 33.98
CA LEU A 386 -16.52 -29.06 35.31
C LEU A 386 -15.78 -29.85 36.38
N ARG A 387 -15.73 -31.16 36.19
CA ARG A 387 -14.97 -32.07 37.07
C ARG A 387 -13.49 -31.74 37.02
N LEU A 388 -13.00 -31.51 35.81
CA LEU A 388 -11.60 -31.18 35.58
C LEU A 388 -11.24 -29.84 36.20
N MET A 389 -12.10 -28.84 35.99
CA MET A 389 -11.85 -27.47 36.45
C MET A 389 -11.95 -27.34 37.97
N LYS A 390 -12.52 -28.36 38.63
CA LYS A 390 -12.60 -28.41 40.09
C LYS A 390 -11.22 -28.23 40.72
N SER B 2 13.79 -17.82 -5.28
CA SER B 2 14.79 -17.51 -4.26
C SER B 2 14.20 -16.59 -3.19
N LEU B 3 14.28 -17.00 -1.93
CA LEU B 3 13.73 -16.22 -0.83
C LEU B 3 14.32 -14.82 -0.78
N PHE B 4 15.63 -14.73 -1.02
CA PHE B 4 16.34 -13.46 -1.04
C PHE B 4 15.83 -12.56 -2.17
N ASN B 5 15.75 -13.12 -3.36
CA ASN B 5 15.31 -12.33 -4.50
C ASN B 5 13.87 -11.87 -4.35
N ASP B 6 13.03 -12.70 -3.74
CA ASP B 6 11.65 -12.30 -3.44
C ASP B 6 11.64 -11.15 -2.43
N LYS B 7 12.53 -11.24 -1.44
CA LYS B 7 12.64 -10.19 -0.44
C LYS B 7 13.08 -8.86 -1.04
N VAL B 8 14.07 -8.88 -1.92
CA VAL B 8 14.51 -7.66 -2.61
C VAL B 8 13.36 -7.10 -3.45
N ALA B 9 12.69 -7.99 -4.19
CA ALA B 9 11.56 -7.54 -5.00
C ALA B 9 10.46 -6.88 -4.17
N LYS B 10 10.22 -7.40 -2.96
CA LYS B 10 9.20 -6.80 -2.09
C LYS B 10 9.63 -5.44 -1.54
N LEU B 11 10.91 -5.28 -1.22
CA LEU B 11 11.44 -3.98 -0.82
C LEU B 11 11.23 -2.93 -1.92
N LEU B 12 11.60 -3.27 -3.15
CA LEU B 12 11.45 -2.33 -4.26
C LEU B 12 9.97 -2.02 -4.53
N ALA B 13 9.11 -3.02 -4.41
CA ALA B 13 7.69 -2.84 -4.71
C ALA B 13 6.97 -1.99 -3.65
N GLY B 14 7.29 -2.25 -2.39
CA GLY B 14 6.72 -1.46 -1.32
C GLY B 14 7.19 -0.01 -1.41
N HIS B 15 8.43 0.17 -1.85
CA HIS B 15 8.99 1.51 -1.99
C HIS B 15 8.32 2.30 -3.12
N GLU B 16 8.11 1.65 -4.25
CA GLU B 16 7.45 2.32 -5.38
C GLU B 16 6.02 2.71 -5.00
N ALA B 17 5.36 1.86 -4.24
CA ALA B 17 4.00 2.13 -3.78
C ALA B 17 3.99 3.36 -2.89
N LEU B 18 4.94 3.44 -1.96
CA LEU B 18 5.07 4.62 -1.12
C LEU B 18 5.33 5.88 -1.96
N LEU B 19 6.27 5.79 -2.89
CA LEU B 19 6.63 6.96 -3.68
C LEU B 19 5.47 7.48 -4.54
N MET B 20 4.62 6.57 -5.00
CA MET B 20 3.60 6.94 -5.97
C MET B 20 2.28 7.34 -5.36
N ARG B 21 2.19 7.24 -4.04
CA ARG B 21 0.94 7.50 -3.33
C ARG B 21 0.43 8.92 -3.58
N LYS B 22 -0.84 9.02 -3.94
CA LYS B 22 -1.44 10.31 -4.22
C LYS B 22 -1.73 11.08 -2.94
N ASN B 23 -1.29 12.34 -2.90
CA ASN B 23 -1.56 13.13 -1.72
C ASN B 23 -2.95 13.70 -1.83
N GLU B 24 -3.55 14.02 -0.68
CA GLU B 24 -4.89 14.57 -0.66
C GLU B 24 -4.94 15.79 0.25
N PRO B 25 -5.65 16.84 -0.19
CA PRO B 25 -5.72 18.09 0.57
C PRO B 25 -6.45 17.86 1.89
N VAL B 26 -6.04 18.56 2.94
CA VAL B 26 -6.79 18.54 4.18
C VAL B 26 -7.96 19.53 4.06
N GLU B 27 -9.16 19.03 4.30
CA GLU B 27 -10.39 19.79 4.11
C GLU B 27 -10.48 20.99 5.05
N GLU B 28 -10.22 20.73 6.32
CA GLU B 28 -10.32 21.78 7.33
C GLU B 28 -9.10 22.69 7.23
N GLY B 29 -9.34 23.97 6.93
CA GLY B 29 -8.25 24.92 6.83
C GLY B 29 -8.70 26.31 7.17
N ASN B 30 -7.78 27.27 7.09
CA ASN B 30 -8.09 28.63 7.51
C ASN B 30 -8.32 29.60 6.35
N GLY B 31 -8.30 29.07 5.12
CA GLY B 31 -8.50 29.90 3.94
C GLY B 31 -7.24 30.56 3.42
N VAL B 32 -6.13 30.36 4.14
CA VAL B 32 -4.87 30.96 3.74
C VAL B 32 -4.01 29.89 3.10
N ILE B 33 -3.78 28.81 3.82
CA ILE B 33 -3.03 27.66 3.30
C ILE B 33 -3.82 26.39 3.41
N THR B 34 -3.52 25.45 2.52
CA THR B 34 -4.08 24.11 2.53
C THR B 34 -2.97 23.13 2.86
N ARG B 35 -3.16 22.37 3.94
CA ARG B 35 -2.25 21.27 4.30
C ARG B 35 -2.64 20.02 3.54
N TYR B 36 -1.75 19.02 3.56
CA TYR B 36 -1.99 17.75 2.88
C TYR B 36 -1.87 16.57 3.84
N ARG B 37 -2.55 15.48 3.51
CA ARG B 37 -2.67 14.32 4.40
C ARG B 37 -1.33 13.67 4.69
N TYR B 38 -0.45 13.65 3.70
CA TYR B 38 0.83 12.96 3.81
C TYR B 38 2.02 13.91 3.66
N PRO B 39 3.14 13.57 4.32
CA PRO B 39 4.41 14.27 4.07
C PRO B 39 4.80 14.11 2.61
N VAL B 40 5.54 15.06 2.05
CA VAL B 40 6.09 14.85 0.70
C VAL B 40 7.35 13.99 0.73
N LEU B 41 8.08 14.02 1.85
CA LEU B 41 9.26 13.18 2.02
C LEU B 41 9.46 12.77 3.46
N THR B 42 9.96 11.54 3.65
CA THR B 42 10.34 11.02 4.96
C THR B 42 11.59 10.20 4.73
N ALA B 43 12.20 9.72 5.80
CA ALA B 43 13.40 8.91 5.67
C ALA B 43 13.13 7.69 4.81
N ALA B 44 11.89 7.21 4.85
CA ALA B 44 11.50 6.00 4.13
C ALA B 44 11.44 6.25 2.62
N HIS B 45 11.45 7.53 2.22
CA HIS B 45 11.39 7.87 0.80
C HIS B 45 12.74 7.77 0.13
N THR B 46 13.83 7.70 0.91
CA THR B 46 15.15 7.55 0.30
C THR B 46 15.15 6.21 -0.46
N PRO B 47 15.91 6.13 -1.56
CA PRO B 47 15.92 4.91 -2.38
C PRO B 47 16.34 3.67 -1.57
N VAL B 48 15.75 2.53 -1.89
CA VAL B 48 16.13 1.28 -1.23
C VAL B 48 17.63 1.02 -1.40
N PHE B 49 18.17 1.40 -2.57
CA PHE B 49 19.57 1.16 -2.90
C PHE B 49 20.52 2.17 -2.26
N TRP B 50 19.98 3.12 -1.50
CA TRP B 50 20.79 3.97 -0.65
C TRP B 50 21.04 3.26 0.67
N ARG B 51 20.09 2.44 1.08
CA ARG B 51 20.10 1.89 2.44
C ARG B 51 20.56 0.44 2.52
N TYR B 52 20.06 -0.40 1.62
CA TYR B 52 20.45 -1.81 1.56
C TYR B 52 21.56 -2.09 0.54
N ASP B 53 22.48 -2.98 0.91
CA ASP B 53 23.35 -3.66 -0.04
C ASP B 53 22.50 -4.76 -0.67
N LEU B 54 22.25 -4.66 -1.98
CA LEU B 54 21.33 -5.59 -2.62
C LEU B 54 22.00 -6.87 -3.12
N ASN B 55 23.28 -7.03 -2.80
CA ASN B 55 24.03 -8.21 -3.20
C ASN B 55 24.00 -9.29 -2.12
N GLU B 56 23.40 -10.43 -2.44
CA GLU B 56 23.25 -11.53 -1.48
C GLU B 56 24.60 -12.06 -0.98
N GLU B 57 25.61 -11.94 -1.82
CA GLU B 57 26.94 -12.42 -1.45
C GLU B 57 27.53 -11.61 -0.31
N THR B 58 27.32 -10.31 -0.33
CA THR B 58 27.87 -9.39 0.68
C THR B 58 26.85 -8.96 1.76
N ASN B 59 25.58 -9.27 1.54
CA ASN B 59 24.53 -8.91 2.50
C ASN B 59 23.45 -10.00 2.54
N PRO B 60 23.84 -11.23 2.94
CA PRO B 60 22.92 -12.37 2.88
C PRO B 60 21.70 -12.24 3.78
N PHE B 61 21.81 -11.51 4.88
CA PHE B 61 20.66 -11.27 5.76
C PHE B 61 19.77 -10.16 5.24
N LEU B 62 20.21 -9.49 4.17
CA LEU B 62 19.49 -8.34 3.62
C LEU B 62 19.09 -7.34 4.71
N MET B 63 20.09 -6.77 5.37
CA MET B 63 19.82 -5.72 6.35
C MET B 63 20.30 -4.39 5.79
N GLU B 64 19.85 -3.29 6.37
CA GLU B 64 20.34 -1.99 5.93
C GLU B 64 21.80 -1.77 6.34
N ARG B 65 22.60 -1.26 5.41
CA ARG B 65 24.02 -0.96 5.67
C ARG B 65 24.22 0.51 6.01
N ILE B 66 23.30 1.36 5.55
CA ILE B 66 23.37 2.80 5.86
C ILE B 66 21.99 3.31 6.23
N GLY B 67 21.75 3.48 7.53
CA GLY B 67 20.45 3.97 7.96
C GLY B 67 20.22 5.42 7.60
N MET B 68 18.98 5.74 7.21
CA MET B 68 18.56 7.10 6.97
C MET B 68 17.60 7.52 8.08
N ASN B 69 17.87 8.65 8.71
CA ASN B 69 17.10 9.11 9.88
C ASN B 69 16.00 10.15 9.59
N ALA B 70 16.31 11.12 8.74
CA ALA B 70 15.38 12.24 8.54
C ALA B 70 15.57 12.94 7.21
N THR B 71 14.48 13.52 6.72
CA THR B 71 14.50 14.37 5.52
C THR B 71 13.83 15.68 5.89
N LEU B 72 14.59 16.76 5.91
CA LEU B 72 14.10 18.00 6.53
C LEU B 72 14.62 19.23 5.82
N ASN B 73 14.36 20.39 6.44
CA ASN B 73 14.76 21.72 5.98
C ASN B 73 15.25 21.83 4.54
N ALA B 74 14.33 21.72 3.60
CA ALA B 74 14.71 21.57 2.18
C ALA B 74 14.60 22.88 1.43
N GLY B 75 15.56 23.13 0.53
CA GLY B 75 15.43 24.23 -0.40
C GLY B 75 14.48 23.80 -1.50
N ALA B 76 14.12 24.70 -2.40
CA ALA B 76 13.21 24.32 -3.47
C ALA B 76 13.43 25.21 -4.68
N ILE B 77 13.17 24.64 -5.85
CA ILE B 77 13.31 25.37 -7.10
C ILE B 77 12.44 24.74 -8.17
N LYS B 78 11.85 25.58 -9.03
CA LYS B 78 11.16 25.09 -10.22
C LYS B 78 12.24 24.93 -11.26
N TRP B 79 12.34 23.73 -11.82
CA TRP B 79 13.48 23.36 -12.64
C TRP B 79 13.07 22.50 -13.80
N ASP B 80 13.26 23.02 -15.02
CA ASP B 80 12.93 22.29 -16.24
C ASP B 80 11.52 21.71 -16.17
N GLY B 81 10.58 22.52 -15.68
CA GLY B 81 9.19 22.12 -15.61
C GLY B 81 8.85 21.19 -14.46
N LYS B 82 9.80 20.98 -13.56
CA LYS B 82 9.57 20.08 -12.43
C LYS B 82 9.64 20.84 -11.14
N TYR B 83 9.17 20.21 -10.07
CA TYR B 83 9.20 20.79 -8.73
C TYR B 83 10.27 20.06 -7.96
N LEU B 84 11.33 20.78 -7.58
CA LEU B 84 12.48 20.16 -6.94
C LEU B 84 12.65 20.65 -5.53
N MET B 85 12.91 19.71 -4.61
CA MET B 85 13.46 20.02 -3.31
C MET B 85 14.95 19.69 -3.25
N LEU B 86 15.69 20.56 -2.58
CA LEU B 86 17.07 20.32 -2.24
C LEU B 86 17.03 19.89 -0.79
N VAL B 87 16.95 18.59 -0.58
CA VAL B 87 16.63 18.03 0.72
C VAL B 87 17.86 17.97 1.62
N ARG B 88 17.67 18.29 2.89
CA ARG B 88 18.67 17.98 3.91
C ARG B 88 18.34 16.58 4.41
N VAL B 89 19.20 15.62 4.08
CA VAL B 89 19.00 14.24 4.50
C VAL B 89 19.97 13.92 5.62
N GLU B 90 19.45 13.47 6.77
CA GLU B 90 20.30 13.14 7.89
C GLU B 90 20.38 11.62 8.03
N GLY B 91 21.59 11.08 8.01
CA GLY B 91 21.77 9.66 8.19
C GLY B 91 21.67 9.26 9.66
N ALA B 92 21.64 7.96 9.93
CA ALA B 92 21.70 7.48 11.31
C ALA B 92 22.99 7.93 11.96
N ASP B 93 24.00 8.24 11.14
CA ASP B 93 25.29 8.67 11.69
C ASP B 93 25.27 10.12 12.17
N ARG B 94 24.11 10.77 12.01
CA ARG B 94 23.87 12.13 12.50
C ARG B 94 24.54 13.21 11.67
N LYS B 95 25.13 12.83 10.54
CA LYS B 95 25.60 13.82 9.58
C LYS B 95 24.50 14.08 8.56
N SER B 96 24.42 15.30 8.06
CA SER B 96 23.48 15.59 6.99
C SER B 96 24.23 15.76 5.69
N PHE B 97 23.56 15.49 4.58
CA PHE B 97 24.10 15.80 3.25
C PHE B 97 22.97 16.31 2.39
N PHE B 98 23.28 16.81 1.21
CA PHE B 98 22.22 17.37 0.37
C PHE B 98 21.85 16.38 -0.73
N ALA B 99 20.60 16.40 -1.17
CA ALA B 99 20.14 15.51 -2.23
C ALA B 99 18.94 16.12 -2.95
N VAL B 100 18.95 16.06 -4.27
CA VAL B 100 17.81 16.58 -5.03
C VAL B 100 16.67 15.55 -5.03
N ALA B 101 15.44 16.00 -4.88
CA ALA B 101 14.27 15.13 -5.09
C ALA B 101 13.30 15.88 -6.01
N GLU B 102 12.69 15.16 -6.96
CA GLU B 102 11.83 15.83 -7.93
C GLU B 102 10.43 15.23 -8.03
N SER B 103 9.46 16.10 -8.32
CA SER B 103 8.05 15.74 -8.46
C SER B 103 7.47 16.39 -9.71
N PRO B 104 6.60 15.68 -10.43
CA PRO B 104 5.94 16.26 -11.61
C PRO B 104 4.87 17.27 -11.25
N ASN B 105 4.37 17.24 -10.02
CA ASN B 105 3.20 18.06 -9.69
C ASN B 105 3.33 18.95 -8.45
N GLY B 106 4.36 18.70 -7.64
CA GLY B 106 4.66 19.57 -6.52
C GLY B 106 4.06 19.17 -5.19
N ILE B 107 3.09 18.26 -5.21
CA ILE B 107 2.47 17.81 -3.95
C ILE B 107 2.69 16.34 -3.63
N ASP B 108 3.10 15.54 -4.61
CA ASP B 108 3.43 14.14 -4.34
C ASP B 108 4.34 13.55 -5.40
N ASN B 109 4.65 12.25 -5.28
CA ASN B 109 5.53 11.57 -6.23
C ASN B 109 6.91 12.23 -6.32
N PHE B 110 7.37 12.78 -5.20
CA PHE B 110 8.76 13.20 -5.11
C PHE B 110 9.63 11.95 -5.08
N ARG B 111 10.70 11.97 -5.87
CA ARG B 111 11.65 10.87 -5.91
C ARG B 111 13.04 11.44 -5.89
N PHE B 112 13.93 10.84 -5.10
CA PHE B 112 15.31 11.35 -5.08
C PHE B 112 16.02 10.99 -6.38
N TRP B 113 16.87 11.91 -6.85
CA TRP B 113 17.83 11.60 -7.88
C TRP B 113 18.72 10.46 -7.36
N GLU B 114 19.19 9.60 -8.27
CA GLU B 114 19.83 8.36 -7.84
C GLU B 114 21.08 8.59 -6.99
N TYR B 115 21.79 9.69 -7.28
CA TYR B 115 22.90 10.14 -6.46
C TYR B 115 22.58 11.42 -5.71
N PRO B 116 23.08 11.54 -4.46
CA PRO B 116 22.84 12.78 -3.73
C PRO B 116 23.82 13.85 -4.22
N VAL B 117 23.84 15.00 -3.57
CA VAL B 117 24.67 16.12 -3.99
C VAL B 117 26.11 15.93 -3.53
N THR B 118 27.07 16.09 -4.45
CA THR B 118 28.46 16.16 -4.06
C THR B 118 28.88 17.61 -4.02
N LEU B 119 29.26 18.06 -2.83
CA LEU B 119 29.64 19.45 -2.61
C LEU B 119 31.09 19.50 -2.16
N PRO B 120 31.96 20.10 -2.99
CA PRO B 120 33.36 20.21 -2.61
C PRO B 120 33.51 21.06 -1.36
N GLU B 121 34.49 20.72 -0.51
CA GLU B 121 34.76 21.53 0.66
C GLU B 121 35.31 22.89 0.27
N ASP B 122 35.17 23.87 1.15
CA ASP B 122 35.91 25.13 1.04
C ASP B 122 37.28 24.86 1.65
N VAL B 123 38.13 25.89 1.73
CA VAL B 123 39.49 25.72 2.24
C VAL B 123 39.52 25.03 3.60
N VAL B 124 38.59 25.40 4.47
CA VAL B 124 38.45 24.74 5.76
C VAL B 124 37.28 23.76 5.68
N PRO B 125 37.58 22.46 5.80
CA PRO B 125 36.54 21.44 5.74
C PRO B 125 35.47 21.59 6.83
N ALA B 126 34.24 21.19 6.49
CA ALA B 126 33.13 21.25 7.43
C ALA B 126 32.75 19.87 7.95
N THR B 127 32.19 19.83 9.16
CA THR B 127 31.74 18.57 9.73
C THR B 127 30.31 18.26 9.31
N ASN B 128 29.46 19.28 9.33
CA ASN B 128 28.09 19.08 8.90
C ASN B 128 27.70 20.26 8.02
N VAL B 129 26.91 19.97 6.98
CA VAL B 129 26.40 21.04 6.13
C VAL B 129 24.88 20.87 6.09
N TYR B 130 24.15 21.99 6.13
CA TYR B 130 22.70 21.89 6.21
C TYR B 130 21.91 23.12 5.72
N ASP B 131 20.62 22.89 5.45
CA ASP B 131 19.62 23.96 5.25
C ASP B 131 19.92 24.85 4.04
N MET B 132 19.94 24.28 2.84
CA MET B 132 20.37 25.08 1.69
C MET B 132 19.21 25.87 1.11
N ARG B 133 19.44 27.16 0.82
CA ARG B 133 18.47 27.98 0.09
C ARG B 133 18.98 28.16 -1.30
N LEU B 134 18.16 27.77 -2.28
CA LEU B 134 18.48 27.90 -3.69
C LEU B 134 17.96 29.20 -4.24
N THR B 135 18.79 29.86 -5.03
CA THR B 135 18.39 31.10 -5.67
C THR B 135 18.84 31.05 -7.11
N ALA B 136 17.88 31.05 -8.03
CA ALA B 136 18.19 31.21 -9.45
C ALA B 136 18.42 32.70 -9.58
N HIS B 137 19.68 33.10 -9.63
CA HIS B 137 20.03 34.51 -9.65
C HIS B 137 20.04 35.04 -11.09
N GLU B 138 19.83 36.34 -11.25
CA GLU B 138 19.79 36.92 -12.59
C GLU B 138 21.15 36.80 -13.31
N ASP B 139 22.21 36.55 -12.56
CA ASP B 139 23.53 36.35 -13.18
C ASP B 139 23.67 34.99 -13.87
N GLY B 140 22.60 34.19 -13.84
CA GLY B 140 22.57 32.96 -14.59
C GLY B 140 23.01 31.71 -13.85
N TRP B 141 23.44 31.86 -12.60
CA TRP B 141 23.76 30.71 -11.76
C TRP B 141 22.63 30.35 -10.79
N ILE B 142 22.54 29.07 -10.41
CA ILE B 142 21.77 28.70 -9.23
C ILE B 142 22.74 28.68 -8.07
N TYR B 143 22.47 29.49 -7.05
CA TYR B 143 23.28 29.48 -5.83
C TYR B 143 22.58 28.68 -4.77
N GLY B 144 23.38 27.92 -4.01
CA GLY B 144 22.93 27.32 -2.78
C GLY B 144 23.72 27.94 -1.65
N ILE B 145 23.03 28.62 -0.74
CA ILE B 145 23.67 29.20 0.44
C ILE B 145 23.22 28.34 1.60
N PHE B 146 24.17 27.80 2.35
CA PHE B 146 23.87 26.81 3.36
C PHE B 146 24.67 27.07 4.64
N CYS B 147 24.48 26.23 5.65
CA CYS B 147 25.22 26.38 6.88
C CYS B 147 26.33 25.34 6.91
N ALA B 148 27.54 25.78 7.20
CA ALA B 148 28.70 24.90 7.29
C ALA B 148 29.21 24.95 8.72
N GLU B 149 29.10 23.83 9.44
CA GLU B 149 29.35 23.86 10.87
C GLU B 149 30.62 23.07 11.18
N ARG B 150 31.41 23.58 12.13
CA ARG B 150 32.65 22.95 12.58
C ARG B 150 32.76 23.00 14.10
N HIS B 151 33.49 22.07 14.70
CA HIS B 151 33.68 22.10 16.15
C HIS B 151 34.46 23.36 16.53
N ASP B 152 34.11 23.96 17.66
CA ASP B 152 34.78 25.17 18.14
C ASP B 152 36.10 24.83 18.84
N ASP B 153 37.20 25.33 18.29
CA ASP B 153 38.53 25.07 18.85
C ASP B 153 38.72 25.78 20.19
N ASN B 154 37.96 26.85 20.43
CA ASN B 154 38.03 27.59 21.69
C ASN B 154 37.44 26.82 22.87
N ALA B 155 36.80 25.70 22.58
CA ALA B 155 36.12 24.91 23.61
C ALA B 155 37.07 24.18 24.56
N PRO B 156 36.65 24.05 25.83
CA PRO B 156 37.45 23.33 26.82
C PRO B 156 37.52 21.84 26.49
N ILE B 157 38.55 21.16 26.97
CA ILE B 157 38.63 19.71 26.86
C ILE B 157 37.38 19.09 27.48
N GLY B 158 36.76 18.15 26.78
CA GLY B 158 35.52 17.55 27.23
C GLY B 158 34.30 18.19 26.59
N ASP B 159 34.45 19.40 26.08
CA ASP B 159 33.35 20.08 25.40
C ASP B 159 33.37 19.68 23.92
N LEU B 160 32.51 18.73 23.58
CA LEU B 160 32.45 18.24 22.21
C LEU B 160 31.19 18.75 21.51
N SER B 161 30.58 19.79 22.09
CA SER B 161 29.32 20.32 21.58
C SER B 161 29.44 21.74 21.02
N SER B 162 30.33 22.55 21.61
CA SER B 162 30.52 23.91 21.14
C SER B 162 30.96 23.92 19.68
N ALA B 163 30.22 24.65 18.85
CA ALA B 163 30.45 24.67 17.41
C ALA B 163 30.37 26.08 16.85
N THR B 164 30.91 26.24 15.64
CA THR B 164 30.80 27.50 14.91
C THR B 164 30.24 27.19 13.53
N ALA B 165 29.68 28.19 12.87
CA ALA B 165 29.11 27.97 11.57
C ALA B 165 29.40 29.15 10.66
N THR B 166 29.66 28.85 9.39
CA THR B 166 29.78 29.89 8.38
C THR B 166 28.64 29.70 7.38
N ALA B 167 28.40 30.72 6.57
CA ALA B 167 27.50 30.58 5.45
C ALA B 167 28.30 30.03 4.28
N GLY B 168 28.01 28.79 3.91
CA GLY B 168 28.59 28.19 2.71
C GLY B 168 27.93 28.73 1.46
N ILE B 169 28.73 28.91 0.42
CA ILE B 169 28.24 29.41 -0.86
C ILE B 169 28.75 28.48 -1.95
N ALA B 170 27.80 27.88 -2.68
CA ALA B 170 28.13 27.04 -3.82
C ALA B 170 27.24 27.44 -4.98
N ARG B 171 27.69 27.21 -6.20
CA ARG B 171 26.84 27.53 -7.33
C ARG B 171 26.90 26.44 -8.40
N THR B 172 25.86 26.39 -9.23
CA THR B 172 25.75 25.30 -10.18
C THR B 172 24.86 25.70 -11.35
N LYS B 173 25.02 25.02 -12.48
CA LYS B 173 24.10 25.21 -13.59
C LYS B 173 23.23 23.99 -13.86
N ASP B 174 23.47 22.89 -13.14
CA ASP B 174 22.74 21.65 -13.40
C ASP B 174 22.30 20.90 -12.13
N LEU B 175 22.66 21.45 -10.98
CA LEU B 175 22.38 20.82 -9.67
C LEU B 175 23.13 19.49 -9.47
N LYS B 176 24.13 19.23 -10.31
CA LYS B 176 24.96 18.03 -10.17
C LYS B 176 26.43 18.36 -9.97
N ASN B 177 26.92 19.29 -10.78
CA ASN B 177 28.29 19.77 -10.67
C ASN B 177 28.24 21.12 -9.98
N TRP B 178 28.80 21.16 -8.76
CA TRP B 178 28.74 22.34 -7.92
C TRP B 178 30.12 22.94 -7.73
N GLU B 179 30.20 24.25 -7.83
CA GLU B 179 31.42 24.96 -7.52
C GLU B 179 31.30 25.57 -6.14
N ARG B 180 32.26 25.28 -5.27
CA ARG B 180 32.24 25.84 -3.93
C ARG B 180 33.02 27.15 -3.91
N LEU B 181 32.34 28.24 -3.60
CA LEU B 181 33.00 29.54 -3.50
C LEU B 181 33.47 29.71 -2.06
N PRO B 182 34.25 30.78 -1.78
CA PRO B 182 34.70 30.88 -0.39
C PRO B 182 33.57 31.16 0.61
N ASP B 183 33.66 30.58 1.81
CA ASP B 183 32.67 30.82 2.86
C ASP B 183 32.50 32.32 3.07
N LEU B 184 31.28 32.75 3.35
CA LEU B 184 31.02 34.16 3.66
C LEU B 184 31.91 34.68 4.79
N LYS B 185 32.65 35.74 4.51
CA LYS B 185 33.42 36.42 5.54
C LYS B 185 32.53 37.40 6.30
N THR B 186 32.65 37.41 7.62
CA THR B 186 31.77 38.20 8.46
C THR B 186 32.31 38.34 9.88
N LYS B 187 32.01 39.45 10.53
CA LYS B 187 32.49 39.69 11.89
C LYS B 187 31.64 38.94 12.91
N SER B 188 30.33 38.91 12.67
CA SER B 188 29.44 38.12 13.51
C SER B 188 29.21 36.76 12.89
N GLN B 189 28.89 35.78 13.73
CA GLN B 189 28.40 34.50 13.25
C GLN B 189 27.15 34.70 12.41
N GLN B 190 27.08 34.01 11.26
CA GLN B 190 25.90 34.08 10.40
C GLN B 190 25.23 32.72 10.23
N ARG B 191 23.91 32.73 10.21
CA ARG B 191 23.14 31.57 9.75
C ARG B 191 21.89 32.07 9.06
N ASN B 192 21.12 31.15 8.49
CA ASN B 192 19.95 31.52 7.68
C ASN B 192 20.29 32.60 6.65
N VAL B 193 21.45 32.45 6.02
CA VAL B 193 21.86 33.40 4.98
C VAL B 193 21.22 32.96 3.66
N VAL B 194 20.67 33.94 2.93
CA VAL B 194 19.83 33.67 1.76
C VAL B 194 20.15 34.69 0.66
N LEU B 195 20.33 34.24 -0.58
CA LEU B 195 20.61 35.17 -1.67
C LEU B 195 19.35 35.73 -2.32
N HIS B 196 19.21 37.06 -2.33
CA HIS B 196 18.13 37.76 -3.06
C HIS B 196 18.36 37.52 -4.55
N PRO B 197 17.28 37.33 -5.32
CA PRO B 197 17.51 36.88 -6.70
C PRO B 197 17.87 37.99 -7.71
N GLU B 198 17.81 39.25 -7.30
CA GLU B 198 18.17 40.36 -8.17
C GLU B 198 19.35 41.12 -7.57
N PHE B 199 20.20 41.66 -8.44
CA PHE B 199 21.17 42.67 -8.01
C PHE B 199 20.41 43.86 -7.42
N VAL B 200 21.02 44.51 -6.43
CA VAL B 200 20.48 45.73 -5.86
C VAL B 200 21.62 46.72 -5.84
N ASP B 201 21.40 47.88 -6.43
CA ASP B 201 22.48 48.83 -6.67
C ASP B 201 23.69 48.15 -7.32
N GLY B 202 23.39 47.24 -8.23
CA GLY B 202 24.43 46.55 -8.99
C GLY B 202 25.25 45.56 -8.19
N LYS B 203 24.76 45.20 -7.01
CA LYS B 203 25.47 44.28 -6.12
C LYS B 203 24.62 43.09 -5.71
N TYR B 204 25.27 42.00 -5.31
CA TYR B 204 24.57 40.86 -4.72
C TYR B 204 24.00 41.28 -3.36
N ALA B 205 22.84 40.76 -3.04
CA ALA B 205 22.18 41.10 -1.77
C ALA B 205 21.88 39.82 -1.01
N LEU B 206 22.30 39.80 0.25
CA LEU B 206 22.07 38.65 1.13
C LEU B 206 21.09 39.00 2.25
N TYR B 207 20.22 38.06 2.58
CA TYR B 207 19.52 38.10 3.86
C TYR B 207 20.44 37.45 4.89
N THR B 208 20.60 38.10 6.04
CA THR B 208 21.57 37.65 7.02
C THR B 208 20.86 37.48 8.35
N ARG B 209 21.53 36.83 9.30
CA ARG B 209 21.00 36.69 10.64
C ARG B 209 22.19 36.65 11.59
N PRO B 210 22.75 37.83 11.88
CA PRO B 210 23.96 37.84 12.70
C PRO B 210 23.67 37.57 14.18
N GLN B 211 24.58 36.84 14.83
CA GLN B 211 24.49 36.60 16.26
C GLN B 211 25.87 36.63 16.89
N GLY B 220 21.91 40.42 18.40
CA GLY B 220 21.22 40.08 17.18
C GLY B 220 19.82 40.66 17.10
N GLY B 221 19.64 41.65 16.23
CA GLY B 221 18.39 42.37 16.13
C GLY B 221 17.31 41.66 15.33
N GLY B 222 17.70 40.79 14.42
CA GLY B 222 16.75 40.07 13.60
C GLY B 222 17.30 39.63 12.25
N ILE B 223 16.46 39.75 11.22
CA ILE B 223 16.87 39.39 9.87
C ILE B 223 17.52 40.60 9.20
N GLY B 224 18.72 40.42 8.68
CA GLY B 224 19.51 41.52 8.16
C GLY B 224 19.63 41.54 6.65
N TRP B 225 20.17 42.64 6.13
CA TRP B 225 20.33 42.86 4.70
C TRP B 225 21.73 43.38 4.44
N ALA B 226 22.48 42.67 3.61
CA ALA B 226 23.87 43.04 3.34
C ALA B 226 24.14 42.99 1.85
N LEU B 227 24.65 44.09 1.30
CA LEU B 227 25.05 44.13 -0.11
C LEU B 227 26.50 43.64 -0.24
N ILE B 228 26.73 42.81 -1.25
CA ILE B 228 28.00 42.12 -1.46
C ILE B 228 28.47 42.41 -2.88
N ASP B 229 29.68 42.96 -3.01
CA ASP B 229 30.20 43.31 -4.34
C ASP B 229 30.47 42.09 -5.22
N ASP B 230 31.11 41.10 -4.63
CA ASP B 230 31.61 39.96 -5.37
C ASP B 230 31.25 38.69 -4.62
N ILE B 231 30.34 37.92 -5.20
CA ILE B 231 29.85 36.69 -4.56
C ILE B 231 30.94 35.62 -4.50
N THR B 232 31.98 35.79 -5.31
CA THR B 232 33.10 34.82 -5.35
C THR B 232 34.16 35.18 -4.31
N HIS B 233 33.96 36.29 -3.63
CA HIS B 233 34.79 36.68 -2.49
C HIS B 233 33.91 37.40 -1.49
N ALA B 234 32.85 36.72 -1.09
CA ALA B 234 31.77 37.33 -0.34
C ALA B 234 32.17 37.77 1.07
N GLU B 235 31.89 39.02 1.40
CA GLU B 235 32.19 39.55 2.73
C GLU B 235 31.17 40.61 3.11
N VAL B 236 30.52 40.42 4.25
CA VAL B 236 29.55 41.42 4.68
C VAL B 236 30.24 42.64 5.27
N GLY B 237 29.82 43.82 4.84
CA GLY B 237 30.29 45.06 5.42
C GLY B 237 29.15 45.66 6.22
N GLU B 238 28.43 46.59 5.63
CA GLU B 238 27.23 47.15 6.25
C GLU B 238 26.08 46.14 6.19
N GLU B 239 25.35 46.03 7.31
CA GLU B 239 24.16 45.21 7.41
C GLU B 239 23.05 46.07 7.97
N LYS B 240 21.86 45.95 7.41
CA LYS B 240 20.70 46.66 7.94
C LYS B 240 19.67 45.63 8.39
N ILE B 241 19.08 45.82 9.58
CA ILE B 241 18.05 44.90 10.04
C ILE B 241 16.72 45.22 9.36
N ILE B 242 16.10 44.21 8.76
CA ILE B 242 14.85 44.42 8.03
C ILE B 242 13.66 44.02 8.88
N ASP B 243 13.76 42.86 9.53
CA ASP B 243 12.67 42.38 10.36
C ASP B 243 13.17 42.02 11.75
N LYS B 244 12.58 42.66 12.76
CA LYS B 244 13.09 42.60 14.13
C LYS B 244 12.42 41.57 15.02
N ARG B 245 13.17 41.15 16.04
CA ARG B 245 12.60 40.34 17.10
C ARG B 245 11.79 41.26 17.98
N TYR B 246 10.75 40.73 18.62
CA TYR B 246 9.98 41.51 19.56
C TYR B 246 9.57 40.65 20.75
N TYR B 247 9.76 41.18 21.95
CA TYR B 247 9.21 40.59 23.18
C TYR B 247 7.76 40.13 23.04
N HIS B 248 7.53 38.88 23.43
CA HIS B 248 6.21 38.29 23.52
C HIS B 248 5.48 38.13 22.20
N THR B 249 6.27 38.00 21.14
CA THR B 249 5.76 37.56 19.84
C THR B 249 6.31 36.18 19.53
N ILE B 250 5.89 35.62 18.41
CA ILE B 250 6.38 34.32 17.96
C ILE B 250 7.84 34.35 17.51
N LYS B 251 8.40 35.56 17.39
CA LYS B 251 9.80 35.74 17.04
C LYS B 251 10.54 36.50 18.13
N GLU B 252 10.47 35.99 19.36
CA GLU B 252 11.07 36.70 20.48
C GLU B 252 12.57 36.42 20.64
N VAL B 253 12.93 35.14 20.64
CA VAL B 253 14.30 34.73 20.93
C VAL B 253 15.18 34.79 19.68
N LYS B 254 14.65 34.30 18.56
CA LYS B 254 15.36 34.26 17.28
C LYS B 254 14.36 34.44 16.16
N ASN B 255 14.86 34.87 15.00
CA ASN B 255 14.11 34.73 13.75
C ASN B 255 15.11 34.47 12.64
N GLY B 256 14.64 34.06 11.47
CA GLY B 256 15.52 33.91 10.33
C GLY B 256 14.75 33.79 9.03
N GLU B 257 15.31 34.34 7.95
CA GLU B 257 14.69 34.21 6.64
C GLU B 257 14.62 32.74 6.27
N GLY B 258 13.54 32.36 5.59
CA GLY B 258 13.42 31.00 5.09
C GLY B 258 13.99 30.93 3.69
N PRO B 259 13.15 30.62 2.70
CA PRO B 259 13.62 30.67 1.30
C PRO B 259 13.72 32.13 0.87
N HIS B 260 14.30 32.39 -0.31
CA HIS B 260 14.31 33.76 -0.81
C HIS B 260 12.87 34.17 -1.13
N PRO B 261 12.55 35.46 -0.97
CA PRO B 261 11.17 35.92 -1.13
C PRO B 261 10.65 35.83 -2.56
N ILE B 262 9.33 35.86 -2.71
CA ILE B 262 8.71 35.83 -4.03
C ILE B 262 8.38 37.26 -4.42
N LYS B 263 8.71 37.65 -5.65
CA LYS B 263 8.34 38.98 -6.13
C LYS B 263 6.87 39.00 -6.53
N THR B 264 6.14 40.00 -6.05
CA THR B 264 4.75 40.18 -6.45
C THR B 264 4.57 41.65 -6.87
N PRO B 265 3.48 41.96 -7.56
CA PRO B 265 3.29 43.38 -7.91
C PRO B 265 3.15 44.26 -6.66
N GLN B 266 2.81 43.66 -5.52
CA GLN B 266 2.61 44.42 -4.29
C GLN B 266 3.87 44.51 -3.43
N GLY B 267 4.95 43.85 -3.85
CA GLY B 267 6.19 43.86 -3.07
C GLY B 267 6.82 42.48 -2.93
N TRP B 268 7.90 42.39 -2.16
CA TRP B 268 8.54 41.11 -1.91
C TRP B 268 7.82 40.36 -0.81
N LEU B 269 7.48 39.10 -1.10
CA LEU B 269 6.69 38.27 -0.19
C LEU B 269 7.65 37.34 0.53
N HIS B 270 7.75 37.46 1.85
CA HIS B 270 8.77 36.70 2.61
C HIS B 270 8.18 35.60 3.45
N LEU B 271 8.94 34.51 3.60
CA LEU B 271 8.61 33.46 4.56
C LEU B 271 9.81 33.25 5.46
N ALA B 272 9.57 33.26 6.78
CA ALA B 272 10.62 33.19 7.78
C ALA B 272 10.21 32.29 8.94
N HIS B 273 11.12 32.04 9.87
CA HIS B 273 10.76 31.33 11.08
C HIS B 273 11.00 32.19 12.31
N GLY B 274 10.21 31.97 13.35
CA GLY B 274 10.37 32.72 14.58
C GLY B 274 10.49 31.74 15.72
N VAL B 275 11.28 32.08 16.74
CA VAL B 275 11.53 31.18 17.87
C VAL B 275 11.17 31.85 19.19
N ARG B 276 10.59 31.08 20.10
CA ARG B 276 10.44 31.53 21.47
C ARG B 276 10.85 30.39 22.38
N ASN B 277 11.12 30.70 23.64
CA ASN B 277 11.47 29.64 24.58
C ASN B 277 10.24 29.33 25.43
N CYS B 278 10.09 28.06 25.82
CA CYS B 278 9.01 27.63 26.71
C CYS B 278 9.50 26.53 27.62
N ALA B 279 8.61 25.96 28.44
CA ALA B 279 9.02 24.92 29.38
C ALA B 279 9.56 23.66 28.70
N ALA B 280 9.16 23.44 27.44
CA ALA B 280 9.59 22.25 26.72
C ALA B 280 10.80 22.49 25.82
N GLY B 281 11.35 23.71 25.85
CA GLY B 281 12.47 24.05 24.98
C GLY B 281 12.11 25.15 23.99
N LEU B 282 12.78 25.15 22.84
CA LEU B 282 12.54 26.18 21.82
C LEU B 282 11.40 25.77 20.90
N ARG B 283 10.54 26.74 20.58
CA ARG B 283 9.35 26.49 19.76
C ARG B 283 9.49 27.31 18.49
N TYR B 284 9.46 26.63 17.33
CA TYR B 284 9.67 27.26 16.03
C TYR B 284 8.37 27.29 15.25
N VAL B 285 7.98 28.46 14.77
CA VAL B 285 6.84 28.60 13.87
C VAL B 285 7.24 29.39 12.63
N LEU B 286 6.39 29.37 11.60
CA LEU B 286 6.62 30.18 10.41
C LEU B 286 5.81 31.47 10.45
N TYR B 287 6.37 32.53 9.87
CA TYR B 287 5.64 33.77 9.74
C TYR B 287 5.99 34.46 8.42
N MET B 288 5.18 35.45 8.03
CA MET B 288 5.42 36.17 6.77
C MET B 288 5.56 37.67 6.97
N TYR B 289 6.23 38.31 6.03
CA TYR B 289 6.23 39.77 6.00
C TYR B 289 6.43 40.19 4.56
N MET B 290 6.19 41.46 4.26
CA MET B 290 6.46 41.95 2.91
C MET B 290 7.38 43.17 2.94
N THR B 291 8.18 43.32 1.89
CA THR B 291 9.00 44.51 1.72
C THR B 291 8.76 45.15 0.36
N SER B 292 9.21 46.39 0.24
CA SER B 292 8.92 47.22 -0.93
C SER B 292 9.74 46.83 -2.15
N LEU B 293 9.11 46.86 -3.33
CA LEU B 293 9.85 46.69 -4.56
C LEU B 293 10.87 47.81 -4.76
N ASP B 294 10.46 49.04 -4.45
CA ASP B 294 11.37 50.17 -4.60
C ASP B 294 12.57 50.08 -3.67
N ASP B 295 12.34 49.58 -2.46
CA ASP B 295 13.40 49.49 -1.48
C ASP B 295 13.16 48.21 -0.70
N PRO B 296 13.78 47.10 -1.15
CA PRO B 296 13.56 45.81 -0.48
C PRO B 296 13.95 45.79 0.99
N THR B 297 14.57 46.84 1.51
CA THR B 297 14.90 46.87 2.94
C THR B 297 13.76 47.42 3.80
N ARG B 298 12.74 47.98 3.14
CA ARG B 298 11.67 48.65 3.86
C ARG B 298 10.45 47.73 4.03
N LEU B 299 10.02 47.52 5.26
CA LEU B 299 8.85 46.67 5.52
C LEU B 299 7.59 47.37 5.06
N ILE B 300 6.71 46.64 4.39
CA ILE B 300 5.41 47.20 4.03
C ILE B 300 4.22 46.38 4.55
N ALA B 301 4.50 45.19 5.09
CA ALA B 301 3.45 44.38 5.70
C ALA B 301 4.00 43.49 6.80
N SER B 302 3.37 43.55 7.95
CA SER B 302 3.75 42.77 9.10
C SER B 302 2.51 42.20 9.73
N PRO B 303 1.92 41.18 9.09
CA PRO B 303 0.74 40.56 9.70
C PRO B 303 1.09 40.03 11.08
N ALA B 304 0.22 40.22 12.06
CA ALA B 304 0.49 39.74 13.41
C ALA B 304 0.64 38.22 13.49
N GLY B 305 1.52 37.76 14.38
CA GLY B 305 1.55 36.38 14.79
C GLY B 305 2.18 35.42 13.80
N TYR B 306 1.87 34.14 13.96
CA TYR B 306 2.42 33.12 13.08
C TYR B 306 1.55 32.87 11.84
N PHE B 307 2.20 32.40 10.79
CA PHE B 307 1.56 32.07 9.54
C PHE B 307 1.17 30.60 9.60
N MET B 308 2.11 29.76 10.05
CA MET B 308 1.85 28.35 10.31
C MET B 308 2.59 27.93 11.56
N ALA B 309 1.99 27.01 12.32
CA ALA B 309 2.57 26.42 13.52
C ALA B 309 2.29 24.91 13.50
N PRO B 310 3.07 24.14 14.28
CA PRO B 310 2.88 22.69 14.22
C PRO B 310 1.44 22.23 14.56
N VAL B 311 0.89 21.41 13.67
CA VAL B 311 -0.46 20.85 13.79
C VAL B 311 -0.36 19.33 13.76
N GLY B 312 -1.06 18.66 14.68
CA GLY B 312 -1.13 17.20 14.66
C GLY B 312 0.22 16.51 14.65
N GLU B 313 0.44 15.67 13.63
CA GLU B 313 1.67 14.88 13.48
C GLU B 313 2.93 15.74 13.40
N GLU B 314 2.77 16.99 12.95
CA GLU B 314 3.90 17.93 12.83
C GLU B 314 4.52 18.24 14.18
N ARG B 315 3.76 18.06 15.25
CA ARG B 315 4.24 18.45 16.58
C ARG B 315 5.37 17.56 17.10
N ILE B 316 5.48 16.37 16.54
CA ILE B 316 6.37 15.35 17.09
C ILE B 316 7.47 14.94 16.13
N GLY B 317 8.70 14.85 16.62
CA GLY B 317 9.81 14.29 15.85
C GLY B 317 11.09 14.35 16.65
N ASP B 318 12.23 14.25 15.95
CA ASP B 318 13.54 14.35 16.58
C ASP B 318 13.68 15.63 17.39
N VAL B 319 13.15 16.72 16.85
CA VAL B 319 13.18 18.00 17.53
C VAL B 319 11.78 18.57 17.49
N SER B 320 10.96 18.15 18.44
CA SER B 320 9.54 18.45 18.44
C SER B 320 9.26 19.95 18.54
N ASN B 321 8.01 20.33 18.24
CA ASN B 321 7.53 21.70 18.42
C ASN B 321 8.17 22.69 17.44
N VAL B 322 8.47 22.19 16.24
CA VAL B 322 9.15 22.97 15.21
C VAL B 322 8.51 22.84 13.84
N LEU B 323 8.24 23.97 13.18
CA LEU B 323 8.11 24.00 11.74
C LEU B 323 9.30 24.82 11.22
N PHE B 324 9.79 24.47 10.03
CA PHE B 324 10.92 25.19 9.44
C PHE B 324 10.75 25.15 7.93
N SER B 325 11.03 26.26 7.25
CA SER B 325 11.00 26.25 5.78
C SER B 325 12.14 27.05 5.17
N ASN B 326 12.83 26.45 4.21
CA ASN B 326 13.82 27.17 3.42
C ASN B 326 13.60 26.90 1.94
N GLY B 327 12.37 26.60 1.57
CA GLY B 327 12.02 26.36 0.18
C GLY B 327 10.56 26.55 -0.15
N TRP B 328 10.28 27.25 -1.25
CA TRP B 328 8.95 27.28 -1.83
C TRP B 328 9.02 27.58 -3.32
N ILE B 329 7.93 27.28 -4.02
CA ILE B 329 7.85 27.45 -5.47
C ILE B 329 6.56 28.20 -5.80
N ALA B 330 6.66 29.22 -6.65
CA ALA B 330 5.48 29.93 -7.16
C ALA B 330 5.43 29.74 -8.67
N ASP B 331 4.33 29.17 -9.16
CA ASP B 331 4.17 28.98 -10.60
C ASP B 331 3.66 30.26 -11.26
N ASP B 332 3.73 30.32 -12.59
CA ASP B 332 3.31 31.50 -13.34
C ASP B 332 1.84 31.84 -13.10
N ASP B 333 1.03 30.83 -12.84
CA ASP B 333 -0.41 31.05 -12.61
C ASP B 333 -0.71 31.50 -11.18
N GLY B 334 0.33 31.70 -10.39
CA GLY B 334 0.14 32.21 -9.04
C GLY B 334 0.00 31.16 -7.96
N LYS B 335 -0.04 29.88 -8.35
CA LYS B 335 -0.10 28.82 -7.35
C LYS B 335 1.23 28.71 -6.61
N VAL B 336 1.14 28.55 -5.28
CA VAL B 336 2.32 28.53 -4.44
C VAL B 336 2.38 27.22 -3.66
N PHE B 337 3.56 26.61 -3.68
CA PHE B 337 3.84 25.37 -2.99
C PHE B 337 4.87 25.65 -1.90
N ILE B 338 4.48 25.42 -0.65
CA ILE B 338 5.36 25.78 0.45
C ILE B 338 5.91 24.50 1.02
N TYR B 339 7.23 24.34 1.00
CA TYR B 339 7.84 23.13 1.53
C TYR B 339 8.39 23.39 2.93
N TYR B 340 7.80 22.72 3.92
CA TYR B 340 8.18 22.98 5.30
C TYR B 340 8.45 21.66 6.04
N ALA B 341 9.50 21.66 6.85
CA ALA B 341 9.81 20.49 7.64
C ALA B 341 9.02 20.58 8.92
N SER B 342 8.67 19.43 9.49
CA SER B 342 8.13 19.46 10.85
C SER B 342 9.07 18.67 11.74
N SER B 343 9.38 19.27 12.88
CA SER B 343 10.14 18.63 13.95
C SER B 343 11.48 18.01 13.52
N ASP B 344 12.11 18.62 12.51
CA ASP B 344 13.42 18.20 12.02
C ASP B 344 13.42 16.77 11.51
N THR B 345 12.28 16.27 11.06
CA THR B 345 12.12 14.85 10.80
C THR B 345 11.61 14.51 9.39
N ARG B 346 10.68 15.31 8.89
CA ARG B 346 9.98 15.01 7.65
C ARG B 346 9.60 16.30 6.93
N MET B 347 9.36 16.20 5.62
CA MET B 347 8.98 17.34 4.80
C MET B 347 7.51 17.29 4.42
N HIS B 348 6.86 18.45 4.49
CA HIS B 348 5.45 18.59 4.11
C HIS B 348 5.31 19.61 3.00
N VAL B 349 4.14 19.61 2.37
CA VAL B 349 3.76 20.68 1.44
C VAL B 349 2.47 21.35 1.91
N ALA B 350 2.37 22.65 1.68
CA ALA B 350 1.12 23.37 1.91
C ALA B 350 0.93 24.25 0.68
N THR B 351 -0.32 24.42 0.22
CA THR B 351 -0.53 25.21 -0.99
C THR B 351 -1.36 26.44 -0.74
N SER B 352 -1.08 27.46 -1.53
CA SER B 352 -1.84 28.69 -1.49
C SER B 352 -1.72 29.31 -2.87
N THR B 353 -2.01 30.61 -2.94
CA THR B 353 -1.75 31.37 -4.16
C THR B 353 -1.10 32.70 -3.78
N ILE B 354 -0.42 33.33 -4.74
CA ILE B 354 0.18 34.63 -4.49
C ILE B 354 -0.87 35.60 -3.96
N GLU B 355 -2.04 35.62 -4.60
CA GLU B 355 -3.11 36.56 -4.22
C GLU B 355 -3.56 36.36 -2.79
N ARG B 356 -3.73 35.11 -2.40
CA ARG B 356 -4.16 34.80 -1.03
C ARG B 356 -3.08 35.18 -0.02
N LEU B 357 -1.82 34.87 -0.33
CA LEU B 357 -0.72 35.18 0.58
C LEU B 357 -0.51 36.68 0.76
N VAL B 358 -0.68 37.43 -0.34
CA VAL B 358 -0.60 38.88 -0.27
C VAL B 358 -1.75 39.44 0.56
N ASP B 359 -2.96 38.92 0.33
CA ASP B 359 -4.13 39.35 1.09
C ASP B 359 -3.95 39.05 2.58
N TYR B 360 -3.43 37.86 2.89
CA TYR B 360 -3.13 37.49 4.28
C TYR B 360 -2.16 38.50 4.93
N CYS B 361 -1.12 38.87 4.22
CA CYS B 361 -0.10 39.78 4.78
C CYS B 361 -0.65 41.19 4.93
N LEU B 362 -1.47 41.59 3.97
CA LEU B 362 -1.96 42.96 3.91
C LEU B 362 -3.14 43.21 4.87
N HIS B 363 -3.94 42.18 5.12
CA HIS B 363 -5.19 42.39 5.88
C HIS B 363 -5.36 41.65 7.21
N THR B 364 -4.37 40.85 7.59
CA THR B 364 -4.28 40.39 8.96
C THR B 364 -3.76 41.59 9.73
N PRO B 365 -4.50 42.04 10.77
CA PRO B 365 -4.08 43.21 11.53
C PRO B 365 -2.68 43.04 12.10
N GLN B 366 -1.96 44.15 12.21
CA GLN B 366 -0.63 44.11 12.79
C GLN B 366 -0.72 43.93 14.28
N ASP B 367 0.33 43.34 14.82
CA ASP B 367 0.44 43.11 16.27
C ASP B 367 0.60 44.44 17.00
N GLY B 368 -0.35 44.75 17.89
CA GLY B 368 -0.30 45.96 18.70
C GLY B 368 0.50 45.74 19.97
N PHE B 369 0.96 44.51 20.16
CA PHE B 369 1.95 44.13 21.17
C PHE B 369 1.47 43.94 22.62
N SER B 370 0.16 43.85 22.82
CA SER B 370 -0.35 43.63 24.17
C SER B 370 -1.71 42.97 24.16
N SER B 371 -2.06 42.35 25.28
CA SER B 371 -3.35 41.71 25.43
C SER B 371 -4.50 42.69 25.14
N SER B 372 -4.36 43.90 25.64
CA SER B 372 -5.42 44.88 25.48
C SER B 372 -5.61 45.27 24.02
N ALA B 373 -4.50 45.38 23.30
CA ALA B 373 -4.53 45.72 21.88
C ALA B 373 -5.11 44.57 21.07
N SER B 374 -4.73 43.35 21.43
CA SER B 374 -5.28 42.18 20.77
C SER B 374 -6.78 42.08 20.96
N VAL B 375 -7.23 42.40 22.17
CA VAL B 375 -8.65 42.39 22.52
C VAL B 375 -9.43 43.44 21.72
N GLU B 376 -8.82 44.59 21.54
CA GLU B 376 -9.48 45.68 20.82
C GLU B 376 -9.63 45.38 19.32
N ILE B 377 -8.61 44.76 18.74
CA ILE B 377 -8.67 44.33 17.35
C ILE B 377 -9.78 43.29 17.19
N LEU B 378 -9.84 42.36 18.13
CA LEU B 378 -10.82 41.29 18.09
C LEU B 378 -12.24 41.80 18.23
N LYS B 379 -12.47 42.65 19.24
CA LYS B 379 -13.81 43.22 19.47
C LYS B 379 -14.29 44.04 18.26
N ASN B 380 -13.38 44.69 17.56
CA ASN B 380 -13.77 45.42 16.35
C ASN B 380 -14.26 44.49 15.24
N LEU B 381 -13.60 43.35 15.08
CA LEU B 381 -14.02 42.38 14.07
C LEU B 381 -15.36 41.73 14.46
N ILE B 382 -15.50 41.39 15.74
CA ILE B 382 -16.74 40.81 16.23
C ILE B 382 -17.89 41.76 15.96
N GLU B 383 -17.70 43.02 16.31
CA GLU B 383 -18.72 44.03 16.10
C GLU B 383 -19.18 44.11 14.63
N ARG B 384 -18.22 44.09 13.71
CA ARG B 384 -18.53 44.11 12.29
C ARG B 384 -19.34 42.88 11.87
N ASN B 385 -18.92 41.70 12.34
CA ASN B 385 -19.59 40.46 11.97
C ASN B 385 -21.00 40.31 12.53
N LEU B 386 -21.20 40.72 13.77
CA LEU B 386 -22.51 40.57 14.39
C LEU B 386 -23.52 41.49 13.72
N ARG B 387 -23.06 42.67 13.30
CA ARG B 387 -23.89 43.61 12.57
C ARG B 387 -24.28 42.99 11.23
N LEU B 388 -23.32 42.30 10.61
CA LEU B 388 -23.55 41.66 9.34
C LEU B 388 -24.55 40.53 9.49
N MET B 389 -24.36 39.72 10.54
CA MET B 389 -25.14 38.49 10.74
C MET B 389 -26.60 38.76 11.14
N LYS B 390 -26.90 40.01 11.48
CA LYS B 390 -28.28 40.41 11.75
C LYS B 390 -29.09 40.55 10.46
P PO4 C . -24.00 -27.16 -6.01
O1 PO4 C . -24.21 -27.94 -7.27
O2 PO4 C . -22.65 -26.47 -5.99
O3 PO4 C . -25.03 -26.05 -5.91
O4 PO4 C . -24.12 -28.11 -4.83
P PO4 D . -19.26 -13.95 12.57
O1 PO4 D . -20.64 -14.01 13.17
O2 PO4 D . -19.32 -13.44 11.15
O3 PO4 D . -18.40 -13.00 13.39
O4 PO4 D . -18.64 -15.35 12.63
P PO4 E . 1.47 -9.71 -12.70
O1 PO4 E . 2.02 -10.72 -13.69
O2 PO4 E . 1.46 -8.35 -13.35
O3 PO4 E . 0.06 -10.08 -12.31
O4 PO4 E . 2.38 -9.66 -11.50
C1 MPD F . -24.85 -18.23 -10.16
C2 MPD F . -23.85 -19.19 -10.78
O2 MPD F . -22.60 -18.49 -10.64
CM MPD F . -23.91 -20.42 -9.87
C3 MPD F . -24.11 -19.47 -12.27
C4 MPD F . -23.38 -20.63 -13.02
O4 MPD F . -23.22 -20.44 -14.43
C5 MPD F . -21.98 -20.95 -12.52
P PO4 G . 17.87 28.98 13.76
O1 PO4 G . 17.04 30.23 13.95
O2 PO4 G . 17.15 28.05 12.79
O3 PO4 G . 19.23 29.34 13.19
O4 PO4 G . 18.04 28.22 15.05
P PO4 H . -3.64 20.74 16.71
O1 PO4 H . -3.59 21.93 15.77
O2 PO4 H . -2.34 19.96 16.67
O3 PO4 H . -3.89 21.23 18.12
O4 PO4 H . -4.75 19.81 16.29
P PO4 I . 13.74 5.19 -6.51
O1 PO4 I . 13.85 3.71 -6.24
O2 PO4 I . 12.45 5.42 -7.26
O3 PO4 I . 13.78 5.95 -5.20
O4 PO4 I . 14.90 5.63 -7.37
C1 MPD J . 20.14 19.59 16.08
C2 MPD J . 20.67 20.13 14.76
O2 MPD J . 20.15 19.21 13.76
CM MPD J . 20.01 21.49 14.59
C3 MPD J . 22.21 20.13 14.70
C4 MPD J . 23.01 20.84 13.56
O4 MPD J . 24.30 20.27 13.27
C5 MPD J . 22.30 20.98 12.22
#